data_7MZM
#
_entry.id   7MZM
#
_cell.length_a   95.801
_cell.length_b   120.325
_cell.length_c   128.358
_cell.angle_alpha   90.000
_cell.angle_beta   90.000
_cell.angle_gamma   90.000
#
_symmetry.space_group_name_H-M   'C 2 2 21'
#
loop_
_entity.id
_entity.type
_entity.pdbx_description
1 polymer 'PDI 215 heavy chain'
2 polymer 'PDI 215 light chain'
3 polymer 'Spike protein S1'
4 branched alpha-L-fucopyranose-(1-6)-2-acetamido-2-deoxy-beta-D-glucopyranose
5 non-polymer 'ISOPROPYL ALCOHOL'
6 water water
#
loop_
_entity_poly.entity_id
_entity_poly.type
_entity_poly.pdbx_seq_one_letter_code
_entity_poly.pdbx_strand_id
1 'polypeptide(L)'
;EVQLVESGGGLVKPGGSLRLSCAASGFTFSDYYMSWIRQAPGKGPEWVSYISGGSSFTNYADSVQGRFTIYRDNAKNSMF
LRMNSLRAEDTAVYYCARSPPTGDSSDWYDSPAYNNYYMDVWGKGTTVTVSSASTKGPSVFPLAPSSKSTSGGTAALGCL
VKDYFPEPVTVSWNSGALTSGVHTFPAVLQSSGLYSLSSVVTVPSSSLGTQTYICNVNHKPSNTKVDKKVEPKSCDKTH
;
H
2 'polypeptide(L)'
;EIVLTQSPVTLSLSPGERATLSCRASQSVSSSYLAWYQQKPGQAPRLLIYGASSRATGIPDRFSGSGSGTDFTLTISRLE
PEDFAVYYCQQYGTSPTVTFGQGTRLEIKRTVAAPSVFIFPPSDEQLKSGTASVVCLLNNFYPREAKVQWKVDNALQSGN
SQESVTEQDSKDSTYSLSSTLTLSKADYEKHKVYACEVTHQGLSSPVTKSFNRGEC
;
L
3 'polypeptide(L)'
;NITNLCPFGEVFNATRFASVYAWNRKRISNCVADYSVLYNSASFSTFKCYGVSPTKLNDLCFTNVYADSFVIRGDEVRQI
APGQTGKIADYNYKLPDDFTGCVIAWNSNNLDSKVGGNYNYLYRLFRKSNLKPFERDISTEIYQAGSTPCNGVEGFNCYF
PLQSYGFQPTNGVGYQPYRVVVLSFELLHAPATVCGPGSHHHHHH
;
A
#
# COMPACT_ATOMS: atom_id res chain seq x y z
N GLU A 1 19.06 -14.28 -1.46
CA GLU A 1 18.25 -13.32 -2.20
C GLU A 1 17.42 -12.46 -1.24
N VAL A 2 17.31 -11.17 -1.56
CA VAL A 2 16.48 -10.27 -0.76
C VAL A 2 15.01 -10.59 -1.01
N GLN A 3 14.24 -10.76 0.08
CA GLN A 3 12.82 -11.02 -0.05
C GLN A 3 12.08 -10.39 1.12
N LEU A 4 10.85 -9.95 0.83
CA LEU A 4 9.89 -9.48 1.83
C LEU A 4 8.59 -10.21 1.60
N VAL A 5 8.03 -10.80 2.66
CA VAL A 5 6.80 -11.57 2.56
C VAL A 5 5.79 -10.99 3.55
N GLU A 6 4.67 -10.51 3.03
CA GLU A 6 3.60 -10.00 3.88
C GLU A 6 2.60 -11.11 4.21
N SER A 7 1.92 -10.93 5.34
CA SER A 7 0.80 -11.80 5.69
C SER A 7 -0.09 -11.05 6.66
N GLY A 8 -1.26 -11.64 6.94
CA GLY A 8 -2.18 -11.09 7.92
C GLY A 8 -3.38 -10.40 7.33
N GLY A 9 -3.40 -10.15 6.03
CA GLY A 9 -4.58 -9.57 5.41
C GLY A 9 -5.77 -10.48 5.51
N GLY A 10 -6.95 -9.91 5.28
CA GLY A 10 -8.16 -10.70 5.33
C GLY A 10 -9.37 -9.83 5.06
N LEU A 11 -10.54 -10.42 5.32
CA LEU A 11 -11.81 -9.71 5.28
C LEU A 11 -12.27 -9.43 6.71
N VAL A 12 -12.73 -8.20 6.95
CA VAL A 12 -13.28 -7.85 8.25
C VAL A 12 -14.42 -6.86 8.04
N LYS A 13 -15.33 -6.84 9.02
CA LYS A 13 -16.40 -5.86 9.05
C LYS A 13 -15.82 -4.48 9.34
N PRO A 14 -16.52 -3.42 8.96
CA PRO A 14 -16.09 -2.08 9.35
C PRO A 14 -16.01 -1.99 10.86
N GLY A 15 -14.91 -1.42 11.36
CA GLY A 15 -14.65 -1.36 12.78
C GLY A 15 -13.77 -2.47 13.30
N GLY A 16 -13.43 -3.45 12.47
CA GLY A 16 -12.58 -4.55 12.89
C GLY A 16 -11.11 -4.19 12.81
N SER A 17 -10.28 -5.22 13.03
CA SER A 17 -8.84 -5.06 13.12
C SER A 17 -8.13 -6.09 12.27
N LEU A 18 -6.85 -5.81 12.00
CA LEU A 18 -5.95 -6.79 11.40
C LEU A 18 -4.56 -6.53 11.94
N ARG A 19 -3.72 -7.56 11.87
CA ARG A 19 -2.34 -7.52 12.32
C ARG A 19 -1.46 -7.94 11.16
N LEU A 20 -0.94 -6.99 10.40
CA LEU A 20 -0.11 -7.30 9.24
C LEU A 20 1.33 -7.53 9.64
N SER A 21 1.93 -8.55 9.04
CA SER A 21 3.32 -8.91 9.27
C SER A 21 4.10 -8.85 7.97
N CYS A 22 5.38 -8.50 8.08
CA CYS A 22 6.31 -8.45 6.96
C CYS A 22 7.60 -9.10 7.43
N ALA A 23 7.89 -10.28 6.89
CA ALA A 23 9.10 -11.03 7.20
C ALA A 23 10.14 -10.76 6.13
N ALA A 24 11.33 -10.35 6.55
CA ALA A 24 12.40 -9.99 5.64
C ALA A 24 13.53 -11.02 5.68
N SER A 25 14.23 -11.15 4.56
CA SER A 25 15.38 -12.05 4.52
C SER A 25 16.31 -11.58 3.42
N GLY A 26 17.59 -11.88 3.60
CA GLY A 26 18.59 -11.58 2.61
C GLY A 26 19.29 -10.25 2.75
N PHE A 27 19.09 -9.54 3.87
CA PHE A 27 19.83 -8.31 4.08
C PHE A 27 19.85 -7.99 5.58
N THR A 28 20.67 -7.01 5.93
CA THR A 28 20.79 -6.56 7.31
C THR A 28 19.56 -5.70 7.61
N PHE A 29 18.50 -6.38 8.04
CA PHE A 29 17.21 -5.72 8.28
C PHE A 29 17.37 -4.44 9.09
N SER A 30 18.25 -4.45 10.10
CA SER A 30 18.33 -3.36 11.06
C SER A 30 18.76 -2.04 10.44
N ASP A 31 19.39 -2.08 9.27
CA ASP A 31 19.97 -0.86 8.70
C ASP A 31 19.02 -0.11 7.79
N TYR A 32 17.80 -0.61 7.58
CA TYR A 32 16.93 -0.12 6.53
C TYR A 32 15.63 0.42 7.09
N TYR A 33 15.21 1.59 6.58
CA TYR A 33 13.84 2.05 6.78
C TYR A 33 12.85 1.06 6.18
N MET A 34 11.71 0.90 6.85
CA MET A 34 10.68 -0.02 6.37
C MET A 34 9.35 0.72 6.30
N SER A 35 8.54 0.43 5.29
CA SER A 35 7.32 1.19 5.05
C SER A 35 6.20 0.26 4.63
N TRP A 36 4.98 0.72 4.89
CA TRP A 36 3.75 0.12 4.37
C TRP A 36 3.16 1.06 3.34
N ILE A 37 2.77 0.49 2.21
CA ILE A 37 2.21 1.21 1.07
C ILE A 37 1.01 0.42 0.56
N ARG A 38 -0.12 1.10 0.41
CA ARG A 38 -1.32 0.39 -0.01
C ARG A 38 -1.74 0.83 -1.40
N GLN A 39 -2.49 -0.06 -2.06
CA GLN A 39 -2.96 0.13 -3.42
C GLN A 39 -4.42 -0.29 -3.49
N ALA A 40 -5.31 0.68 -3.60
CA ALA A 40 -6.73 0.38 -3.66
C ALA A 40 -7.09 -0.22 -5.02
N PRO A 41 -8.14 -1.04 -5.08
CA PRO A 41 -8.58 -1.59 -6.38
C PRO A 41 -8.76 -0.51 -7.43
N GLY A 42 -8.03 -0.63 -8.54
CA GLY A 42 -8.11 0.33 -9.61
C GLY A 42 -7.26 1.57 -9.44
N LYS A 43 -6.49 1.69 -8.36
CA LYS A 43 -5.72 2.90 -8.10
C LYS A 43 -4.23 2.59 -8.07
N GLY A 44 -3.44 3.65 -7.96
CA GLY A 44 -2.00 3.51 -7.81
C GLY A 44 -1.60 3.44 -6.35
N PRO A 45 -0.31 3.23 -6.09
CA PRO A 45 0.15 3.06 -4.71
C PRO A 45 -0.02 4.33 -3.88
N GLU A 46 -0.26 4.13 -2.58
CA GLU A 46 -0.43 5.22 -1.64
C GLU A 46 0.40 4.89 -0.40
N TRP A 47 1.28 5.82 -0.01
CA TRP A 47 2.11 5.60 1.17
C TRP A 47 1.26 5.61 2.43
N VAL A 48 1.54 4.68 3.34
CA VAL A 48 0.78 4.51 4.57
C VAL A 48 1.61 4.84 5.79
N SER A 49 2.80 4.25 5.91
CA SER A 49 3.58 4.53 7.12
C SER A 49 5.03 4.13 6.92
N TYR A 50 5.90 4.69 7.77
CA TYR A 50 7.29 4.24 7.78
C TYR A 50 7.81 4.17 9.20
N ILE A 51 8.87 3.38 9.39
CA ILE A 51 9.62 3.34 10.65
C ILE A 51 11.09 3.14 10.33
N SER A 52 11.93 3.89 11.05
CA SER A 52 13.38 3.86 10.86
C SER A 52 13.97 2.58 11.44
N GLY A 53 15.22 2.30 11.02
CA GLY A 53 15.87 1.05 11.44
C GLY A 53 16.00 0.90 12.94
N GLY A 54 16.20 2.01 13.65
CA GLY A 54 16.25 1.97 15.10
C GLY A 54 14.93 2.23 15.79
N SER A 55 13.84 2.35 15.04
CA SER A 55 12.49 2.59 15.55
C SER A 55 12.32 3.98 16.15
N SER A 56 13.32 4.85 16.03
CA SER A 56 13.20 6.17 16.63
C SER A 56 12.14 7.01 15.93
N PHE A 57 12.04 6.89 14.60
CA PHE A 57 11.18 7.78 13.83
C PHE A 57 10.05 7.01 13.15
N THR A 58 8.85 7.59 13.23
CA THR A 58 7.63 7.04 12.66
C THR A 58 6.82 8.17 12.05
N ASN A 59 6.15 7.86 10.94
CA ASN A 59 5.19 8.79 10.37
C ASN A 59 4.09 8.00 9.66
N TYR A 60 2.91 8.62 9.58
CA TYR A 60 1.70 8.05 9.03
C TYR A 60 1.03 9.01 8.06
N ALA A 61 0.39 8.43 7.04
CA ALA A 61 -0.56 9.18 6.23
C ALA A 61 -1.61 9.81 7.14
N ASP A 62 -2.04 11.02 6.78
CA ASP A 62 -2.98 11.75 7.61
C ASP A 62 -4.26 10.95 7.87
N SER A 63 -4.65 10.10 6.93
CA SER A 63 -5.94 9.43 6.98
C SER A 63 -5.95 8.19 7.85
N VAL A 64 -4.81 7.68 8.28
CA VAL A 64 -4.75 6.53 9.18
C VAL A 64 -4.31 6.91 10.58
N GLN A 65 -4.05 8.19 10.82
CA GLN A 65 -3.52 8.66 12.10
C GLN A 65 -4.42 8.21 13.24
N GLY A 66 -3.84 7.48 14.20
CA GLY A 66 -4.58 7.03 15.36
C GLY A 66 -5.29 5.71 15.20
N ARG A 67 -5.34 5.14 13.99
CA ARG A 67 -5.96 3.84 13.80
C ARG A 67 -4.97 2.74 13.45
N PHE A 68 -3.85 3.09 12.82
CA PHE A 68 -2.80 2.16 12.46
C PHE A 68 -1.56 2.48 13.28
N THR A 69 -0.87 1.44 13.73
CA THR A 69 0.40 1.59 14.44
C THR A 69 1.45 0.74 13.75
N ILE A 70 2.56 1.35 13.38
CA ILE A 70 3.67 0.62 12.79
C ILE A 70 4.66 0.29 13.88
N TYR A 71 5.25 -0.90 13.80
CA TYR A 71 6.41 -1.19 14.65
C TYR A 71 7.27 -2.22 13.96
N ARG A 72 8.42 -2.53 14.55
CA ARG A 72 9.33 -3.51 13.98
C ARG A 72 9.96 -4.31 15.11
N ASP A 73 10.63 -5.39 14.71
CA ASP A 73 11.39 -6.26 15.62
C ASP A 73 12.59 -6.76 14.82
N ASN A 74 13.74 -6.13 15.02
CA ASN A 74 14.92 -6.45 14.23
C ASN A 74 15.43 -7.84 14.55
N ALA A 75 15.25 -8.30 15.79
CA ALA A 75 15.69 -9.64 16.15
C ALA A 75 14.90 -10.71 15.41
N LYS A 76 13.65 -10.42 15.05
CA LYS A 76 12.84 -11.33 14.25
C LYS A 76 12.88 -10.98 12.77
N ASN A 77 13.72 -10.02 12.37
CA ASN A 77 13.78 -9.59 10.98
C ASN A 77 12.39 -9.27 10.45
N SER A 78 11.57 -8.59 11.25
CA SER A 78 10.18 -8.42 10.85
C SER A 78 9.66 -7.03 11.21
N MET A 79 8.63 -6.59 10.49
N MET A 79 8.63 -6.61 10.48
CA MET A 79 7.93 -5.38 10.86
CA MET A 79 7.92 -5.37 10.73
C MET A 79 6.44 -5.60 10.70
C MET A 79 6.42 -5.65 10.73
N PHE A 80 5.64 -4.72 11.30
CA PHE A 80 4.22 -4.97 11.48
C PHE A 80 3.40 -3.69 11.37
N LEU A 81 2.14 -3.88 11.01
CA LEU A 81 1.15 -2.81 10.93
C LEU A 81 -0.10 -3.29 11.66
N ARG A 82 -0.36 -2.72 12.84
CA ARG A 82 -1.56 -3.00 13.62
C ARG A 82 -2.66 -2.07 13.15
N MET A 83 -3.71 -2.63 12.55
CA MET A 83 -4.81 -1.85 12.01
C MET A 83 -6.04 -2.04 12.87
N ASN A 84 -6.60 -0.94 13.37
CA ASN A 84 -7.82 -0.96 14.16
C ASN A 84 -8.82 0.01 13.55
N SER A 85 -10.07 -0.09 13.98
CA SER A 85 -11.15 0.77 13.48
C SER A 85 -11.12 0.83 11.95
N LEU A 86 -11.01 -0.33 11.32
CA LEU A 86 -10.91 -0.36 9.87
C LEU A 86 -12.17 0.23 9.24
N ARG A 87 -11.98 0.95 8.14
CA ARG A 87 -13.07 1.56 7.36
C ARG A 87 -13.07 0.97 5.96
N ALA A 88 -14.20 1.16 5.26
CA ALA A 88 -14.34 0.55 3.94
C ALA A 88 -13.25 1.03 2.98
N GLU A 89 -12.88 2.30 3.07
CA GLU A 89 -11.88 2.87 2.16
C GLU A 89 -10.46 2.46 2.50
N ASP A 90 -10.25 1.61 3.51
CA ASP A 90 -8.93 1.03 3.79
C ASP A 90 -8.68 -0.24 2.99
N THR A 91 -9.67 -0.67 2.22
CA THR A 91 -9.56 -1.85 1.38
C THR A 91 -8.47 -1.63 0.33
N ALA A 92 -7.53 -2.58 0.24
CA ALA A 92 -6.44 -2.42 -0.70
C ALA A 92 -5.50 -3.61 -0.55
N VAL A 93 -4.55 -3.71 -1.49
CA VAL A 93 -3.38 -4.55 -1.27
C VAL A 93 -2.38 -3.75 -0.45
N TYR A 94 -1.77 -4.38 0.53
CA TYR A 94 -0.79 -3.75 1.40
C TYR A 94 0.57 -4.39 1.13
N TYR A 95 1.53 -3.58 0.75
CA TYR A 95 2.91 -4.00 0.54
C TYR A 95 3.78 -3.44 1.64
N CYS A 96 4.72 -4.25 2.12
CA CYS A 96 5.83 -3.70 2.88
C CYS A 96 6.97 -3.50 1.89
N ALA A 97 7.71 -2.42 2.08
CA ALA A 97 8.77 -2.06 1.15
C ALA A 97 9.91 -1.42 1.91
N ARG A 98 11.11 -1.64 1.40
CA ARG A 98 12.36 -1.23 2.04
C ARG A 98 12.89 0.04 1.38
N SER A 99 13.40 0.97 2.21
CA SER A 99 14.13 2.10 1.66
C SER A 99 15.61 1.98 2.01
N PRO A 100 16.50 2.35 1.10
CA PRO A 100 17.93 2.11 1.33
C PRO A 100 18.53 3.15 2.26
N PRO A 101 19.60 2.79 2.98
CA PRO A 101 20.23 3.75 3.89
C PRO A 101 21.18 4.70 3.18
N THR A 102 21.45 5.81 3.86
CA THR A 102 22.40 6.81 3.39
C THR A 102 23.69 6.20 2.87
N SER A 106 28.56 7.84 11.11
CA SER A 106 27.31 7.61 11.82
C SER A 106 27.51 7.69 13.34
N ASP A 107 27.49 8.92 13.86
CA ASP A 107 27.57 9.14 15.31
C ASP A 107 26.20 9.05 15.99
N TRP A 108 25.16 8.62 15.27
CA TRP A 108 23.79 8.61 15.78
C TRP A 108 23.29 7.19 16.00
N TYR A 109 22.49 6.99 17.05
CA TYR A 109 21.71 5.77 17.15
C TYR A 109 20.74 5.64 15.98
N ASP A 110 20.04 6.71 15.66
CA ASP A 110 19.09 6.73 14.54
C ASP A 110 19.10 8.15 13.99
N SER A 111 19.87 8.35 12.91
CA SER A 111 20.19 9.71 12.46
C SER A 111 18.97 10.41 11.90
N PRO A 112 18.64 11.62 12.38
CA PRO A 112 17.50 12.36 11.81
C PRO A 112 17.74 12.86 10.39
N ALA A 113 18.99 12.93 9.94
CA ALA A 113 19.29 13.36 8.58
C ALA A 113 19.15 12.14 7.66
N TYR A 114 17.96 11.98 7.10
CA TYR A 114 17.66 10.87 6.20
C TYR A 114 16.57 11.33 5.25
N ASN A 115 16.81 11.14 3.95
CA ASN A 115 15.83 11.66 2.97
C ASN A 115 15.50 10.64 1.87
N ASN A 116 16.14 9.47 1.86
CA ASN A 116 15.96 8.49 0.78
C ASN A 116 14.68 7.67 0.91
N TYR A 117 13.54 8.37 0.99
CA TYR A 117 12.25 7.69 1.07
C TYR A 117 11.78 7.19 -0.28
N TYR A 118 12.58 6.40 -0.98
CA TYR A 118 12.10 5.61 -2.10
C TYR A 118 12.24 4.14 -1.75
N MET A 119 11.52 3.29 -2.48
CA MET A 119 11.35 1.89 -2.12
C MET A 119 12.06 1.02 -3.16
N ASP A 120 13.18 0.41 -2.77
CA ASP A 120 13.96 -0.40 -3.68
C ASP A 120 13.62 -1.88 -3.64
N VAL A 121 12.80 -2.32 -2.69
CA VAL A 121 12.39 -3.71 -2.63
C VAL A 121 10.98 -3.76 -2.06
N TRP A 122 10.17 -4.62 -2.65
CA TRP A 122 8.78 -4.76 -2.28
C TRP A 122 8.47 -6.22 -2.04
N GLY A 123 7.47 -6.47 -1.20
CA GLY A 123 6.93 -7.81 -1.06
C GLY A 123 5.83 -8.06 -2.08
N LYS A 124 5.27 -9.27 -2.03
CA LYS A 124 4.20 -9.60 -2.95
C LYS A 124 2.92 -8.85 -2.60
N GLY A 125 2.74 -8.50 -1.34
CA GLY A 125 1.53 -7.85 -0.87
C GLY A 125 0.59 -8.81 -0.18
N THR A 126 -0.33 -8.24 0.61
CA THR A 126 -1.37 -9.01 1.27
C THR A 126 -2.66 -8.21 1.21
N THR A 127 -3.76 -8.89 0.96
CA THR A 127 -5.01 -8.19 0.64
C THR A 127 -5.83 -7.91 1.89
N VAL A 128 -6.37 -6.69 1.97
CA VAL A 128 -7.25 -6.27 3.05
C VAL A 128 -8.56 -5.86 2.41
N THR A 129 -9.64 -6.50 2.84
CA THR A 129 -10.99 -6.15 2.40
C THR A 129 -11.82 -5.80 3.63
N VAL A 130 -12.36 -4.59 3.66
CA VAL A 130 -13.19 -4.10 4.76
C VAL A 130 -14.56 -3.83 4.18
N SER A 131 -15.57 -4.60 4.60
CA SER A 131 -16.91 -4.46 4.06
C SER A 131 -17.94 -5.06 5.01
N SER A 132 -19.14 -4.48 4.99
CA SER A 132 -20.27 -5.04 5.71
C SER A 132 -20.73 -6.39 5.14
N ALA A 133 -20.36 -6.71 3.91
CA ALA A 133 -20.89 -7.89 3.25
C ALA A 133 -20.32 -9.17 3.85
N SER A 134 -21.10 -10.25 3.76
CA SER A 134 -20.72 -11.55 4.29
C SER A 134 -20.15 -12.44 3.19
N THR A 135 -19.21 -13.28 3.56
CA THR A 135 -18.67 -14.29 2.65
C THR A 135 -19.80 -15.10 2.03
N LYS A 136 -19.64 -15.45 0.74
CA LYS A 136 -20.67 -16.20 0.03
C LYS A 136 -20.07 -16.80 -1.24
N GLY A 137 -20.28 -18.10 -1.42
CA GLY A 137 -19.87 -18.77 -2.63
C GLY A 137 -20.68 -18.31 -3.83
N PRO A 138 -20.15 -18.51 -5.03
CA PRO A 138 -20.84 -18.07 -6.24
C PRO A 138 -21.85 -19.09 -6.75
N SER A 139 -22.84 -18.57 -7.49
CA SER A 139 -23.68 -19.39 -8.35
C SER A 139 -23.06 -19.43 -9.74
N VAL A 140 -22.94 -20.63 -10.30
CA VAL A 140 -22.31 -20.82 -11.62
C VAL A 140 -23.38 -21.19 -12.62
N PHE A 141 -23.63 -20.32 -13.60
CA PHE A 141 -24.64 -20.51 -14.63
C PHE A 141 -24.00 -20.68 -16.00
N PRO A 142 -24.64 -21.44 -16.89
CA PRO A 142 -24.07 -21.64 -18.21
C PRO A 142 -24.28 -20.41 -19.09
N LEU A 143 -23.31 -20.19 -19.97
CA LEU A 143 -23.46 -19.32 -21.14
C LEU A 143 -23.34 -20.30 -22.31
N ALA A 144 -24.49 -20.79 -22.75
CA ALA A 144 -24.52 -21.93 -23.67
C ALA A 144 -24.05 -21.51 -25.06
N PRO A 145 -23.30 -22.35 -25.75
CA PRO A 145 -22.98 -22.07 -27.16
C PRO A 145 -24.25 -22.14 -28.00
N SER A 146 -24.41 -21.16 -28.88
CA SER A 146 -25.61 -21.03 -29.71
C SER A 146 -25.26 -21.29 -31.17
N SER A 147 -26.00 -22.21 -31.80
CA SER A 147 -25.75 -22.53 -33.19
C SER A 147 -26.05 -21.34 -34.10
N LYS A 148 -26.94 -20.45 -33.66
CA LYS A 148 -27.23 -19.21 -34.43
C LYS A 148 -26.13 -18.19 -34.14
N SER A 149 -25.58 -18.18 -32.92
CA SER A 149 -24.47 -17.26 -32.57
C SER A 149 -23.12 -17.96 -32.82
N THR A 150 -22.99 -18.64 -33.96
CA THR A 150 -21.71 -19.28 -34.33
C THR A 150 -21.27 -18.63 -35.64
N SER A 151 -20.05 -18.08 -35.73
CA SER A 151 -19.70 -17.36 -36.96
C SER A 151 -18.45 -17.96 -37.59
N GLY A 152 -18.51 -18.35 -38.86
CA GLY A 152 -17.29 -18.75 -39.53
C GLY A 152 -16.60 -19.94 -38.90
N GLY A 153 -17.34 -20.80 -38.20
CA GLY A 153 -16.75 -21.98 -37.60
C GLY A 153 -16.27 -21.82 -36.18
N THR A 154 -16.52 -20.67 -35.54
CA THR A 154 -16.19 -20.44 -34.15
C THR A 154 -17.47 -20.28 -33.33
N ALA A 155 -17.56 -21.02 -32.23
CA ALA A 155 -18.60 -20.83 -31.24
C ALA A 155 -17.96 -20.35 -29.95
N ALA A 156 -18.63 -19.41 -29.29
CA ALA A 156 -18.25 -18.95 -27.97
C ALA A 156 -19.19 -19.55 -26.94
N LEU A 157 -18.62 -19.99 -25.81
CA LEU A 157 -19.41 -20.45 -24.66
C LEU A 157 -18.71 -19.98 -23.40
N GLY A 158 -19.35 -20.15 -22.26
CA GLY A 158 -18.72 -19.71 -21.03
C GLY A 158 -19.56 -19.97 -19.79
N CYS A 159 -19.18 -19.32 -18.71
N CYS A 159 -19.17 -19.32 -18.70
N CYS A 159 -19.19 -19.32 -18.70
CA CYS A 159 -19.83 -19.47 -17.41
CA CYS A 159 -19.84 -19.47 -17.42
CA CYS A 159 -19.94 -19.47 -17.47
C CYS A 159 -19.96 -18.13 -16.72
C CYS A 159 -19.96 -18.13 -16.72
C CYS A 159 -19.96 -18.17 -16.70
N LEU A 160 -21.14 -17.84 -16.18
CA LEU A 160 -21.37 -16.67 -15.36
C LEU A 160 -21.23 -17.09 -13.90
N VAL A 161 -20.25 -16.53 -13.21
CA VAL A 161 -19.96 -16.79 -11.81
C VAL A 161 -20.46 -15.58 -11.05
N LYS A 162 -21.64 -15.69 -10.43
CA LYS A 162 -22.36 -14.54 -9.90
C LYS A 162 -22.51 -14.61 -8.38
N ASP A 163 -22.56 -13.43 -7.76
CA ASP A 163 -22.99 -13.27 -6.37
C ASP A 163 -22.09 -14.05 -5.40
N TYR A 164 -20.83 -13.66 -5.38
CA TYR A 164 -19.87 -14.20 -4.43
C TYR A 164 -19.13 -13.07 -3.75
N PHE A 165 -18.55 -13.38 -2.60
CA PHE A 165 -17.79 -12.43 -1.80
C PHE A 165 -16.95 -13.19 -0.78
N PRO A 166 -15.70 -12.78 -0.55
CA PRO A 166 -15.03 -11.72 -1.30
C PRO A 166 -14.24 -12.30 -2.48
N GLU A 167 -13.45 -11.48 -3.15
CA GLU A 167 -12.51 -12.01 -4.12
C GLU A 167 -11.50 -12.89 -3.39
N PRO A 168 -10.78 -13.76 -4.13
CA PRO A 168 -10.95 -13.99 -5.55
C PRO A 168 -11.64 -15.31 -5.85
N VAL A 169 -11.91 -15.57 -7.13
CA VAL A 169 -12.28 -16.90 -7.60
C VAL A 169 -11.26 -17.31 -8.64
N THR A 170 -11.05 -18.62 -8.76
CA THR A 170 -10.26 -19.19 -9.85
C THR A 170 -11.22 -19.87 -10.81
N VAL A 171 -10.96 -19.69 -12.11
CA VAL A 171 -11.72 -20.38 -13.15
C VAL A 171 -10.72 -20.98 -14.11
N SER A 172 -10.81 -22.29 -14.30
CA SER A 172 -10.07 -23.02 -15.31
C SER A 172 -11.03 -23.69 -16.28
N TRP A 173 -10.47 -24.18 -17.38
CA TRP A 173 -11.25 -24.87 -18.41
C TRP A 173 -10.62 -26.24 -18.65
N ASN A 174 -11.39 -27.29 -18.40
CA ASN A 174 -10.95 -28.67 -18.61
C ASN A 174 -9.70 -28.94 -17.78
N SER A 175 -9.75 -28.53 -16.50
CA SER A 175 -8.67 -28.75 -15.54
C SER A 175 -7.32 -28.32 -16.11
N GLY A 176 -7.30 -27.20 -16.83
CA GLY A 176 -6.08 -26.64 -17.35
C GLY A 176 -5.71 -27.07 -18.75
N ALA A 177 -6.25 -28.18 -19.24
CA ALA A 177 -5.98 -28.59 -20.62
C ALA A 177 -6.40 -27.51 -21.60
N LEU A 178 -7.43 -26.74 -21.28
CA LEU A 178 -7.98 -25.73 -22.16
C LEU A 178 -7.53 -24.35 -21.69
N THR A 179 -6.67 -23.71 -22.47
CA THR A 179 -6.16 -22.39 -22.10
C THR A 179 -6.24 -21.42 -23.27
N SER A 180 -6.05 -21.91 -24.49
CA SER A 180 -6.18 -21.05 -25.65
C SER A 180 -7.61 -20.55 -25.78
N GLY A 181 -7.73 -19.30 -26.21
CA GLY A 181 -9.05 -18.69 -26.39
C GLY A 181 -9.85 -18.50 -25.12
N VAL A 182 -9.26 -18.64 -23.94
CA VAL A 182 -9.98 -18.44 -22.69
C VAL A 182 -9.80 -17.00 -22.24
N HIS A 183 -10.92 -16.33 -21.95
CA HIS A 183 -10.91 -15.00 -21.37
C HIS A 183 -11.74 -15.06 -20.08
N THR A 184 -11.06 -14.99 -18.94
CA THR A 184 -11.71 -14.85 -17.65
C THR A 184 -11.62 -13.39 -17.24
N PHE A 185 -12.78 -12.75 -17.09
CA PHE A 185 -12.88 -11.31 -16.94
C PHE A 185 -12.61 -10.87 -15.51
N PRO A 186 -12.13 -9.64 -15.33
CA PRO A 186 -12.05 -9.09 -13.98
C PRO A 186 -13.41 -9.09 -13.30
N ALA A 187 -13.42 -9.44 -12.03
CA ALA A 187 -14.63 -9.34 -11.24
C ALA A 187 -15.03 -7.87 -11.09
N VAL A 188 -16.33 -7.62 -11.17
CA VAL A 188 -16.89 -6.29 -10.95
C VAL A 188 -17.83 -6.36 -9.76
N LEU A 189 -17.80 -5.31 -8.94
CA LEU A 189 -18.66 -5.24 -7.76
C LEU A 189 -20.04 -4.74 -8.17
N GLN A 190 -21.07 -5.50 -7.82
CA GLN A 190 -22.44 -5.15 -8.17
C GLN A 190 -23.04 -4.23 -7.11
N SER A 191 -24.14 -3.57 -7.49
CA SER A 191 -24.87 -2.73 -6.54
C SER A 191 -25.06 -3.44 -5.22
N SER A 192 -25.40 -4.73 -5.27
CA SER A 192 -25.63 -5.52 -4.06
C SER A 192 -24.43 -5.52 -3.13
N GLY A 193 -23.23 -5.22 -3.64
CA GLY A 193 -22.02 -5.40 -2.88
C GLY A 193 -21.36 -6.76 -3.07
N LEU A 194 -21.85 -7.55 -4.02
CA LEU A 194 -21.30 -8.87 -4.32
C LEU A 194 -20.64 -8.84 -5.69
N TYR A 195 -19.65 -9.71 -5.88
CA TYR A 195 -18.91 -9.77 -7.13
C TYR A 195 -19.56 -10.68 -8.15
N SER A 196 -19.29 -10.40 -9.41
CA SER A 196 -19.74 -11.24 -10.51
C SER A 196 -18.72 -11.13 -11.64
N LEU A 197 -18.44 -12.26 -12.29
CA LEU A 197 -17.59 -12.24 -13.47
C LEU A 197 -18.00 -13.38 -14.40
N SER A 198 -17.71 -13.21 -15.68
CA SER A 198 -17.90 -14.27 -16.65
C SER A 198 -16.54 -14.79 -17.13
N SER A 199 -16.52 -16.08 -17.46
CA SER A 199 -15.36 -16.71 -18.09
C SER A 199 -15.82 -17.36 -19.37
N VAL A 200 -15.31 -16.87 -20.51
CA VAL A 200 -15.74 -17.37 -21.81
C VAL A 200 -14.54 -18.00 -22.52
N VAL A 201 -14.85 -18.73 -23.59
CA VAL A 201 -13.86 -19.38 -24.43
C VAL A 201 -14.46 -19.58 -25.81
N THR A 202 -13.63 -19.38 -26.83
CA THR A 202 -14.02 -19.65 -28.21
C THR A 202 -13.40 -20.96 -28.65
N VAL A 203 -14.18 -21.76 -29.38
CA VAL A 203 -13.75 -23.09 -29.83
C VAL A 203 -14.34 -23.35 -31.20
N PRO A 204 -13.81 -24.35 -31.91
CA PRO A 204 -14.38 -24.72 -33.20
C PRO A 204 -15.77 -25.31 -33.00
N SER A 205 -16.75 -24.75 -33.73
CA SER A 205 -18.10 -25.30 -33.67
C SER A 205 -18.10 -26.79 -33.99
N SER A 206 -17.16 -27.24 -34.83
CA SER A 206 -17.08 -28.65 -35.20
C SER A 206 -16.84 -29.57 -34.01
N SER A 207 -16.44 -29.04 -32.86
CA SER A 207 -16.18 -29.86 -31.69
C SER A 207 -17.27 -29.77 -30.64
N LEU A 208 -18.36 -29.04 -30.92
CA LEU A 208 -19.35 -28.78 -29.88
C LEU A 208 -20.03 -30.06 -29.41
N GLY A 209 -20.28 -30.99 -30.31
CA GLY A 209 -20.86 -32.24 -29.90
C GLY A 209 -19.88 -33.33 -29.59
N THR A 210 -18.59 -33.05 -29.72
CA THR A 210 -17.55 -34.06 -29.60
C THR A 210 -16.60 -33.82 -28.44
N GLN A 211 -16.53 -32.60 -27.90
CA GLN A 211 -15.60 -32.25 -26.84
C GLN A 211 -16.39 -31.65 -25.68
N THR A 212 -16.27 -32.24 -24.50
CA THR A 212 -16.93 -31.69 -23.33
C THR A 212 -16.15 -30.50 -22.81
N TYR A 213 -16.87 -29.50 -22.32
CA TYR A 213 -16.29 -28.27 -21.81
C TYR A 213 -16.79 -28.03 -20.40
N ILE A 214 -15.87 -27.79 -19.47
CA ILE A 214 -16.20 -27.75 -18.05
C ILE A 214 -15.62 -26.51 -17.40
N CYS A 215 -16.47 -25.76 -16.71
N CYS A 215 -16.47 -25.76 -16.71
N CYS A 215 -16.47 -25.79 -16.66
CA CYS A 215 -16.04 -24.61 -15.92
CA CYS A 215 -16.04 -24.60 -15.93
CA CYS A 215 -16.10 -24.61 -15.90
C CYS A 215 -15.55 -25.09 -14.57
C CYS A 215 -15.55 -25.08 -14.57
C CYS A 215 -15.58 -25.06 -14.54
N ASN A 216 -14.28 -24.85 -14.27
CA ASN A 216 -13.69 -25.19 -12.97
C ASN A 216 -13.65 -23.90 -12.15
N VAL A 217 -14.59 -23.76 -11.20
CA VAL A 217 -14.72 -22.55 -10.41
C VAL A 217 -14.41 -22.88 -8.96
N ASN A 218 -13.36 -22.25 -8.42
CA ASN A 218 -13.00 -22.43 -7.01
C ASN A 218 -13.07 -21.09 -6.29
N HIS A 219 -13.68 -21.11 -5.10
CA HIS A 219 -13.79 -19.96 -4.22
C HIS A 219 -13.33 -20.42 -2.84
N LYS A 220 -12.04 -20.21 -2.55
CA LYS A 220 -11.47 -20.66 -1.28
C LYS A 220 -12.13 -19.97 -0.09
N PRO A 221 -12.32 -18.64 -0.09
CA PRO A 221 -12.98 -17.96 1.04
C PRO A 221 -14.20 -18.69 1.58
N SER A 222 -14.87 -19.46 0.73
CA SER A 222 -16.04 -20.24 1.16
C SER A 222 -15.81 -21.74 0.99
N ASN A 223 -14.61 -22.15 0.59
CA ASN A 223 -14.30 -23.57 0.38
C ASN A 223 -15.28 -24.20 -0.60
N THR A 224 -15.69 -23.42 -1.61
CA THR A 224 -16.69 -23.87 -2.57
C THR A 224 -16.03 -24.18 -3.91
N LYS A 225 -16.19 -25.41 -4.38
CA LYS A 225 -15.70 -25.82 -5.68
C LYS A 225 -16.86 -26.31 -6.53
N VAL A 226 -16.99 -25.77 -7.73
CA VAL A 226 -18.06 -26.12 -8.65
C VAL A 226 -17.47 -26.42 -10.02
N ASP A 227 -17.91 -27.53 -10.61
CA ASP A 227 -17.60 -27.87 -12.00
C ASP A 227 -18.89 -27.81 -12.79
N LYS A 228 -18.92 -26.97 -13.83
CA LYS A 228 -20.14 -26.82 -14.67
C LYS A 228 -19.84 -27.17 -16.14
N LYS A 229 -20.56 -28.14 -16.69
CA LYS A 229 -20.41 -28.52 -18.11
C LYS A 229 -21.35 -27.65 -18.96
N VAL A 230 -20.79 -26.89 -19.91
CA VAL A 230 -21.61 -25.99 -20.76
C VAL A 230 -22.07 -26.78 -21.98
N GLU A 231 -23.38 -26.92 -22.14
CA GLU A 231 -23.93 -27.75 -23.21
C GLU A 231 -24.64 -26.88 -24.25
N PRO A 232 -24.56 -27.26 -25.54
CA PRO A 232 -25.09 -26.38 -26.60
C PRO A 232 -26.56 -26.01 -26.44
N LYS A 233 -27.31 -26.73 -25.62
CA LYS A 233 -28.73 -26.40 -25.46
C LYS A 233 -29.49 -26.60 -26.77
N GLU B 1 0.58 20.11 0.12
CA GLU B 1 1.12 18.81 -0.27
C GLU B 1 1.42 18.78 -1.76
N ILE B 2 2.56 18.19 -2.12
CA ILE B 2 2.94 18.13 -3.53
C ILE B 2 2.00 17.19 -4.27
N VAL B 3 1.48 17.66 -5.40
CA VAL B 3 0.66 16.83 -6.29
C VAL B 3 1.49 16.51 -7.53
N LEU B 4 1.57 15.22 -7.86
CA LEU B 4 2.27 14.76 -9.05
C LEU B 4 1.24 14.38 -10.10
N THR B 5 1.26 15.08 -11.24
CA THR B 5 0.37 14.81 -12.36
C THR B 5 1.14 14.03 -13.42
N GLN B 6 0.69 12.82 -13.70
CA GLN B 6 1.30 11.98 -14.71
C GLN B 6 0.46 12.03 -15.98
N SER B 7 1.13 12.04 -17.12
CA SER B 7 0.40 12.06 -18.37
C SER B 7 1.26 11.45 -19.47
N PRO B 8 0.64 10.98 -20.56
CA PRO B 8 -0.83 10.91 -20.62
C PRO B 8 -1.35 9.79 -19.73
N VAL B 9 -2.67 9.62 -19.64
CA VAL B 9 -3.21 8.52 -18.84
C VAL B 9 -2.90 7.17 -19.49
N THR B 10 -3.04 7.08 -20.81
CA THR B 10 -2.74 5.85 -21.52
C THR B 10 -1.93 6.19 -22.77
N LEU B 11 -0.83 5.47 -22.94
CA LEU B 11 0.10 5.70 -24.05
C LEU B 11 0.14 4.44 -24.90
N SER B 12 -0.20 4.57 -26.18
CA SER B 12 -0.25 3.44 -27.13
C SER B 12 0.93 3.52 -28.08
N LEU B 13 1.83 2.53 -28.00
CA LEU B 13 3.02 2.50 -28.84
C LEU B 13 3.32 1.06 -29.23
N SER B 14 4.15 0.90 -30.26
CA SER B 14 4.60 -0.40 -30.72
C SER B 14 5.99 -0.73 -30.17
N PRO B 15 6.33 -2.02 -30.08
CA PRO B 15 7.70 -2.39 -29.73
C PRO B 15 8.70 -1.79 -30.72
N GLY B 16 9.89 -1.49 -30.20
CA GLY B 16 10.90 -0.79 -30.96
C GLY B 16 10.79 0.71 -30.93
N GLU B 17 9.62 1.24 -30.61
CA GLU B 17 9.44 2.69 -30.52
C GLU B 17 9.93 3.22 -29.19
N ARG B 18 10.10 4.54 -29.12
CA ARG B 18 10.53 5.22 -27.92
C ARG B 18 9.31 5.76 -27.18
N ALA B 19 9.27 5.55 -25.87
CA ALA B 19 8.17 5.99 -25.03
C ALA B 19 8.68 7.08 -24.08
N THR B 20 7.90 8.16 -23.96
CA THR B 20 8.21 9.23 -23.01
C THR B 20 7.00 9.47 -22.13
N LEU B 21 7.19 9.35 -20.82
CA LEU B 21 6.14 9.49 -19.83
C LEU B 21 6.44 10.74 -18.98
N SER B 22 5.43 11.59 -18.79
CA SER B 22 5.61 12.88 -18.15
C SER B 22 5.09 12.84 -16.71
N CYS B 23 5.85 13.50 -15.81
CA CYS B 23 5.47 13.65 -14.41
C CYS B 23 5.77 15.09 -14.00
N ARG B 24 4.73 15.89 -13.83
CA ARG B 24 4.88 17.27 -13.41
C ARG B 24 4.47 17.43 -11.94
N ALA B 25 5.20 18.25 -11.20
CA ALA B 25 4.92 18.46 -9.79
C ALA B 25 4.25 19.80 -9.60
N SER B 26 3.35 19.86 -8.61
CA SER B 26 2.68 21.11 -8.29
C SER B 26 3.63 22.13 -7.67
N GLN B 27 4.80 21.69 -7.20
CA GLN B 27 5.83 22.59 -6.72
C GLN B 27 7.19 21.90 -6.90
N SER B 28 8.24 22.69 -6.74
CA SER B 28 9.59 22.17 -6.99
C SER B 28 9.88 21.00 -6.07
N VAL B 29 10.54 19.98 -6.62
CA VAL B 29 10.92 18.79 -5.86
C VAL B 29 12.38 18.93 -5.46
N SER B 30 12.63 18.98 -4.15
CA SER B 30 13.99 19.20 -3.67
C SER B 30 14.95 18.12 -4.18
N SER B 31 16.17 18.54 -4.50
CA SER B 31 17.28 17.64 -4.82
C SER B 31 16.92 16.60 -5.89
N SER B 32 15.88 16.86 -6.69
CA SER B 32 15.50 15.89 -7.72
C SER B 32 15.13 14.55 -7.12
N TYR B 33 14.57 14.57 -5.91
CA TYR B 33 14.20 13.36 -5.17
C TYR B 33 12.90 12.81 -5.77
N LEU B 34 13.03 12.17 -6.93
CA LEU B 34 11.90 11.69 -7.70
C LEU B 34 12.24 10.30 -8.23
N ALA B 35 11.42 9.30 -7.89
CA ALA B 35 11.66 7.93 -8.28
C ALA B 35 10.57 7.46 -9.25
N TRP B 36 10.89 6.45 -10.05
CA TRP B 36 9.96 5.85 -10.99
C TRP B 36 9.82 4.37 -10.71
N TYR B 37 8.62 3.85 -10.93
CA TYR B 37 8.32 2.44 -10.69
C TYR B 37 7.53 1.88 -11.86
N GLN B 38 7.76 0.59 -12.12
CA GLN B 38 6.99 -0.17 -13.08
C GLN B 38 6.16 -1.19 -12.34
N GLN B 39 4.92 -1.40 -12.80
CA GLN B 39 4.07 -2.43 -12.22
C GLN B 39 3.31 -3.12 -13.35
N LYS B 40 3.35 -4.42 -13.35
CA LYS B 40 2.63 -5.41 -14.14
C LYS B 40 1.44 -5.93 -13.35
N PRO B 41 0.32 -6.23 -14.02
CA PRO B 41 -0.90 -6.60 -13.29
C PRO B 41 -0.66 -7.76 -12.33
N GLY B 42 -1.22 -7.64 -11.13
CA GLY B 42 -1.05 -8.65 -10.10
C GLY B 42 0.34 -8.76 -9.52
N GLN B 43 1.20 -7.77 -9.78
CA GLN B 43 2.56 -7.78 -9.29
C GLN B 43 2.83 -6.53 -8.47
N ALA B 44 3.84 -6.61 -7.62
CA ALA B 44 4.30 -5.44 -6.88
C ALA B 44 5.05 -4.49 -7.82
N PRO B 45 4.97 -3.19 -7.56
CA PRO B 45 5.82 -2.26 -8.32
C PRO B 45 7.28 -2.61 -8.09
N ARG B 46 8.11 -2.30 -9.09
CA ARG B 46 9.55 -2.43 -8.93
C ARG B 46 10.21 -1.10 -9.28
N LEU B 47 11.23 -0.74 -8.50
CA LEU B 47 11.90 0.53 -8.71
C LEU B 47 12.71 0.50 -10.00
N LEU B 48 12.63 1.60 -10.75
CA LEU B 48 13.36 1.78 -12.00
C LEU B 48 14.45 2.83 -11.90
N ILE B 49 14.16 3.93 -11.23
CA ILE B 49 15.03 5.10 -11.17
C ILE B 49 14.77 5.80 -9.86
N TYR B 50 15.86 6.26 -9.23
CA TYR B 50 15.78 7.12 -8.06
C TYR B 50 16.58 8.38 -8.36
N GLY B 51 16.38 9.41 -7.53
CA GLY B 51 17.05 10.67 -7.76
C GLY B 51 16.86 11.22 -9.17
N ALA B 52 15.71 10.96 -9.78
CA ALA B 52 15.36 11.51 -11.09
C ALA B 52 16.08 10.82 -12.25
N SER B 53 17.38 10.54 -12.10
CA SER B 53 18.17 9.99 -13.20
C SER B 53 19.03 8.78 -12.83
N SER B 54 19.02 8.33 -11.58
CA SER B 54 19.82 7.19 -11.17
C SER B 54 19.05 5.89 -11.41
N ARG B 55 19.64 5.01 -12.20
CA ARG B 55 19.05 3.72 -12.54
C ARG B 55 19.23 2.74 -11.39
N ALA B 56 18.13 2.10 -10.97
CA ALA B 56 18.21 1.12 -9.89
C ALA B 56 18.96 -0.13 -10.36
N THR B 57 19.47 -0.90 -9.40
CA THR B 57 20.35 -2.00 -9.74
C THR B 57 19.60 -3.07 -10.51
N GLY B 58 20.18 -3.53 -11.61
CA GLY B 58 19.58 -4.56 -12.43
C GLY B 58 18.60 -4.06 -13.48
N ILE B 59 18.44 -2.76 -13.62
CA ILE B 59 17.46 -2.19 -14.53
C ILE B 59 18.11 -1.97 -15.89
N PRO B 60 17.44 -2.31 -17.00
CA PRO B 60 18.08 -2.19 -18.32
C PRO B 60 18.35 -0.75 -18.71
N ASP B 61 19.42 -0.58 -19.49
CA ASP B 61 19.84 0.75 -19.94
C ASP B 61 18.80 1.44 -20.82
N ARG B 62 17.86 0.70 -21.41
CA ARG B 62 16.86 1.39 -22.22
C ARG B 62 15.94 2.27 -21.40
N PHE B 63 15.85 2.06 -20.08
CA PHE B 63 15.13 2.95 -19.18
C PHE B 63 16.05 4.06 -18.72
N SER B 64 15.64 5.30 -18.92
CA SER B 64 16.41 6.43 -18.39
C SER B 64 15.45 7.48 -17.84
N GLY B 65 15.86 8.14 -16.77
CA GLY B 65 15.10 9.22 -16.18
C GLY B 65 15.79 10.55 -16.32
N SER B 66 15.02 11.61 -16.49
CA SER B 66 15.62 12.95 -16.46
C SER B 66 14.62 13.95 -15.90
N GLY B 67 15.11 15.16 -15.66
CA GLY B 67 14.30 16.26 -15.20
C GLY B 67 14.75 16.78 -13.84
N SER B 68 14.09 17.85 -13.43
CA SER B 68 14.35 18.48 -12.14
C SER B 68 13.26 19.52 -11.91
N GLY B 69 13.29 20.11 -10.71
CA GLY B 69 12.29 21.09 -10.33
C GLY B 69 10.89 20.52 -10.31
N THR B 70 10.11 20.82 -11.34
CA THR B 70 8.75 20.32 -11.48
C THR B 70 8.56 19.47 -12.74
N ASP B 71 9.64 19.14 -13.44
CA ASP B 71 9.54 18.56 -14.77
C ASP B 71 10.35 17.27 -14.81
N PHE B 72 9.67 16.12 -14.85
CA PHE B 72 10.38 14.85 -14.86
C PHE B 72 9.84 13.97 -15.97
N THR B 73 10.74 13.18 -16.54
CA THR B 73 10.42 12.33 -17.67
C THR B 73 11.08 10.97 -17.51
N LEU B 74 10.34 9.93 -17.84
CA LEU B 74 10.90 8.60 -17.97
C LEU B 74 10.85 8.21 -19.44
N THR B 75 12.00 7.82 -19.98
CA THR B 75 12.15 7.45 -21.38
C THR B 75 12.51 5.98 -21.48
N ILE B 76 11.80 5.27 -22.34
CA ILE B 76 12.10 3.89 -22.68
C ILE B 76 12.48 3.91 -24.16
N SER B 77 13.78 3.83 -24.45
CA SER B 77 14.29 4.21 -25.77
C SER B 77 13.88 3.22 -26.86
N ARG B 78 13.78 1.94 -26.52
CA ARG B 78 13.40 0.89 -27.46
C ARG B 78 12.47 -0.07 -26.72
N LEU B 79 11.18 0.02 -27.01
CA LEU B 79 10.21 -0.73 -26.23
C LEU B 79 10.27 -2.22 -26.57
N GLU B 80 10.38 -3.03 -25.54
CA GLU B 80 10.25 -4.47 -25.55
C GLU B 80 8.90 -4.87 -24.98
N PRO B 81 8.36 -6.02 -25.39
CA PRO B 81 6.99 -6.36 -24.97
C PRO B 81 6.81 -6.41 -23.45
N GLU B 82 7.87 -6.70 -22.70
CA GLU B 82 7.79 -6.72 -21.25
C GLU B 82 7.70 -5.34 -20.63
N ASP B 83 8.02 -4.28 -21.38
CA ASP B 83 7.94 -2.92 -20.88
C ASP B 83 6.51 -2.38 -20.87
N PHE B 84 5.56 -3.09 -21.46
CA PHE B 84 4.19 -2.61 -21.51
C PHE B 84 3.51 -2.92 -20.19
N ALA B 85 3.15 -1.86 -19.47
CA ALA B 85 2.75 -1.94 -18.07
C ALA B 85 2.38 -0.56 -17.56
N VAL B 86 2.10 -0.43 -16.26
CA VAL B 86 1.81 0.86 -15.66
C VAL B 86 3.07 1.41 -15.02
N TYR B 87 3.23 2.73 -15.02
CA TYR B 87 4.40 3.39 -14.45
C TYR B 87 3.97 4.51 -13.52
N TYR B 88 4.63 4.60 -12.37
CA TYR B 88 4.34 5.61 -11.36
C TYR B 88 5.58 6.45 -11.06
N CYS B 89 5.39 7.75 -10.90
CA CYS B 89 6.44 8.57 -10.30
C CYS B 89 6.11 8.83 -8.84
N GLN B 90 7.15 9.15 -8.07
CA GLN B 90 6.97 9.29 -6.62
C GLN B 90 7.97 10.31 -6.11
N GLN B 91 7.47 11.35 -5.47
CA GLN B 91 8.30 12.40 -4.89
C GLN B 91 8.68 12.03 -3.47
N TYR B 92 9.88 12.43 -3.05
CA TYR B 92 10.31 12.22 -1.68
C TYR B 92 11.27 13.29 -1.19
N GLY B 93 11.10 14.53 -1.66
CA GLY B 93 11.96 15.62 -1.25
C GLY B 93 11.25 16.77 -0.54
N THR B 94 11.69 17.06 0.69
CA THR B 94 11.27 18.21 1.50
C THR B 94 9.77 18.46 1.37
N SER B 95 9.00 17.44 1.73
CA SER B 95 7.55 17.51 1.81
C SER B 95 7.12 16.78 3.07
N PRO B 96 5.93 17.10 3.59
CA PRO B 96 5.49 16.41 4.81
C PRO B 96 5.33 14.91 4.63
N THR B 97 5.11 14.44 3.41
CA THR B 97 4.82 13.03 3.18
C THR B 97 5.21 12.68 1.75
N VAL B 98 5.64 11.43 1.57
CA VAL B 98 5.86 10.89 0.23
CA VAL B 98 5.78 10.88 0.27
C VAL B 98 4.57 10.90 -0.57
N THR B 99 4.68 11.13 -1.88
CA THR B 99 3.52 11.28 -2.75
C THR B 99 3.74 10.53 -4.04
N PHE B 100 2.67 9.93 -4.57
CA PHE B 100 2.71 9.16 -5.81
C PHE B 100 1.83 9.82 -6.87
N GLY B 101 2.24 9.63 -8.14
CA GLY B 101 1.36 9.97 -9.25
C GLY B 101 0.34 8.87 -9.48
N GLN B 102 -0.68 9.20 -10.29
CA GLN B 102 -1.74 8.24 -10.57
C GLN B 102 -1.40 7.32 -11.73
N GLY B 103 -0.18 7.35 -12.23
CA GLY B 103 0.23 6.30 -13.14
C GLY B 103 -0.09 6.64 -14.59
N THR B 104 0.75 6.09 -15.48
CA THR B 104 0.56 6.15 -16.92
C THR B 104 0.61 4.73 -17.45
N ARG B 105 -0.45 4.31 -18.14
CA ARG B 105 -0.52 2.95 -18.65
C ARG B 105 0.01 2.91 -20.08
N LEU B 106 1.07 2.14 -20.30
CA LEU B 106 1.68 1.99 -21.65
C LEU B 106 1.17 0.69 -22.27
N GLU B 107 0.46 0.79 -23.38
CA GLU B 107 -0.17 -0.40 -24.01
C GLU B 107 0.33 -0.57 -25.45
N ILE B 108 0.17 -1.77 -25.99
CA ILE B 108 0.68 -2.09 -27.35
C ILE B 108 -0.28 -1.61 -28.43
N LYS B 109 0.20 -0.74 -29.31
CA LYS B 109 -0.58 -0.35 -30.46
C LYS B 109 -0.38 -1.37 -31.58
N ARG B 110 -1.48 -1.77 -32.21
CA ARG B 110 -1.46 -2.70 -33.33
C ARG B 110 -2.55 -2.28 -34.30
N THR B 111 -2.75 -3.06 -35.35
CA THR B 111 -3.75 -2.71 -36.36
C THR B 111 -5.16 -2.78 -35.75
N VAL B 112 -6.07 -2.01 -36.34
CA VAL B 112 -7.47 -2.06 -35.95
C VAL B 112 -8.00 -3.46 -36.14
N ALA B 113 -8.86 -3.90 -35.21
CA ALA B 113 -9.48 -5.22 -35.29
C ALA B 113 -10.87 -5.15 -34.67
N ALA B 114 -11.89 -5.39 -35.50
CA ALA B 114 -13.26 -5.31 -35.03
C ALA B 114 -13.58 -6.48 -34.10
N PRO B 115 -14.51 -6.29 -33.17
CA PRO B 115 -14.87 -7.39 -32.28
C PRO B 115 -15.73 -8.42 -32.99
N SER B 116 -15.59 -9.68 -32.56
CA SER B 116 -16.65 -10.65 -32.79
C SER B 116 -17.66 -10.52 -31.66
N VAL B 117 -18.94 -10.32 -32.00
CA VAL B 117 -19.97 -10.03 -31.02
C VAL B 117 -20.87 -11.26 -30.84
N PHE B 118 -21.04 -11.69 -29.60
CA PHE B 118 -21.92 -12.78 -29.24
C PHE B 118 -22.88 -12.32 -28.16
N ILE B 119 -24.05 -12.95 -28.10
CA ILE B 119 -25.04 -12.65 -27.06
C ILE B 119 -25.49 -13.96 -26.42
N PHE B 120 -25.66 -13.94 -25.10
CA PHE B 120 -26.05 -15.11 -24.31
C PHE B 120 -27.25 -14.74 -23.47
N PRO B 121 -28.41 -15.33 -23.72
CA PRO B 121 -29.56 -15.13 -22.83
C PRO B 121 -29.29 -15.76 -21.48
N PRO B 122 -30.09 -15.41 -20.46
CA PRO B 122 -29.91 -16.02 -19.14
C PRO B 122 -30.17 -17.52 -19.19
N SER B 123 -29.48 -18.24 -18.32
CA SER B 123 -29.77 -19.67 -18.20
C SER B 123 -31.14 -19.88 -17.56
N ASP B 124 -31.73 -21.04 -17.84
CA ASP B 124 -33.01 -21.38 -17.26
C ASP B 124 -32.94 -21.46 -15.73
N GLU B 125 -31.84 -22.02 -15.22
CA GLU B 125 -31.64 -22.10 -13.77
C GLU B 125 -31.70 -20.72 -13.13
N GLN B 126 -30.99 -19.76 -13.71
CA GLN B 126 -30.95 -18.43 -13.09
C GLN B 126 -32.33 -17.80 -13.09
N LEU B 127 -33.05 -17.89 -14.21
CA LEU B 127 -34.43 -17.39 -14.23
C LEU B 127 -35.24 -18.02 -13.11
N LYS B 128 -35.16 -19.35 -12.97
CA LYS B 128 -35.84 -19.99 -11.85
C LYS B 128 -35.42 -19.36 -10.52
N SER B 129 -34.22 -18.80 -10.43
CA SER B 129 -33.74 -18.18 -9.17
C SER B 129 -34.33 -16.77 -8.98
N GLY B 130 -34.95 -16.18 -10.01
CA GLY B 130 -35.59 -14.88 -9.87
C GLY B 130 -34.86 -13.71 -10.51
N THR B 131 -33.77 -13.94 -11.24
CA THR B 131 -33.03 -12.86 -11.89
C THR B 131 -32.67 -13.30 -13.30
N ALA B 132 -32.37 -12.32 -14.15
CA ALA B 132 -32.04 -12.58 -15.55
C ALA B 132 -30.80 -11.78 -15.93
N SER B 133 -29.69 -12.46 -16.12
CA SER B 133 -28.46 -11.83 -16.62
C SER B 133 -28.31 -12.14 -18.10
N VAL B 134 -28.18 -11.10 -18.91
CA VAL B 134 -27.96 -11.22 -20.35
C VAL B 134 -26.56 -10.72 -20.64
N VAL B 135 -25.75 -11.54 -21.32
CA VAL B 135 -24.34 -11.24 -21.51
C VAL B 135 -24.09 -10.94 -22.98
N CYS B 136 -23.40 -9.85 -23.25
CA CYS B 136 -22.90 -9.51 -24.58
C CYS B 136 -21.39 -9.55 -24.55
N LEU B 137 -20.80 -10.25 -25.51
CA LEU B 137 -19.36 -10.47 -25.53
C LEU B 137 -18.80 -9.84 -26.79
N LEU B 138 -17.79 -8.99 -26.61
CA LEU B 138 -16.97 -8.47 -27.70
C LEU B 138 -15.61 -9.16 -27.60
N ASN B 139 -15.22 -9.87 -28.65
CA ASN B 139 -14.06 -10.74 -28.59
C ASN B 139 -12.97 -10.25 -29.53
N ASN B 140 -11.76 -10.13 -28.98
CA ASN B 140 -10.52 -10.00 -29.73
C ASN B 140 -10.53 -8.78 -30.65
N PHE B 141 -10.68 -7.60 -30.03
CA PHE B 141 -10.70 -6.36 -30.79
C PHE B 141 -9.61 -5.41 -30.32
N TYR B 142 -9.31 -4.42 -31.18
CA TYR B 142 -8.39 -3.33 -30.89
C TYR B 142 -8.79 -2.12 -31.72
N PRO B 143 -8.77 -0.90 -31.14
CA PRO B 143 -8.36 -0.55 -29.78
C PRO B 143 -9.38 -0.87 -28.69
N ARG B 144 -9.00 -0.63 -27.43
CA ARG B 144 -9.88 -0.97 -26.27
C ARG B 144 -11.19 -0.19 -26.31
N GLU B 145 -11.19 0.97 -26.93
CA GLU B 145 -12.38 1.81 -26.87
C GLU B 145 -13.52 1.18 -27.65
N ALA B 146 -14.68 1.07 -27.00
CA ALA B 146 -15.86 0.46 -27.62
C ALA B 146 -17.10 0.96 -26.90
N LYS B 147 -18.19 1.09 -27.64
CA LYS B 147 -19.46 1.52 -27.08
C LYS B 147 -20.47 0.38 -27.18
N VAL B 148 -21.00 -0.04 -26.04
CA VAL B 148 -21.98 -1.12 -25.98
C VAL B 148 -23.30 -0.56 -25.45
N GLN B 149 -24.38 -0.79 -26.20
CA GLN B 149 -25.70 -0.29 -25.84
C GLN B 149 -26.71 -1.42 -25.89
N TRP B 150 -27.47 -1.58 -24.80
CA TRP B 150 -28.48 -2.62 -24.71
C TRP B 150 -29.84 -2.06 -25.10
N LYS B 151 -30.65 -2.89 -25.76
CA LYS B 151 -32.02 -2.51 -26.11
C LYS B 151 -32.95 -3.69 -25.85
N VAL B 152 -33.97 -3.47 -25.05
CA VAL B 152 -35.00 -4.47 -24.76
C VAL B 152 -36.24 -4.07 -25.55
N ASP B 153 -36.45 -4.72 -26.70
CA ASP B 153 -37.60 -4.44 -27.57
C ASP B 153 -37.45 -3.08 -28.26
N ASN B 154 -36.22 -2.76 -28.67
CA ASN B 154 -35.94 -1.51 -29.38
C ASN B 154 -36.06 -0.31 -28.46
N ALA B 155 -35.59 -0.46 -27.22
CA ALA B 155 -35.72 0.59 -26.20
C ALA B 155 -34.42 0.65 -25.39
N LEU B 156 -33.58 1.63 -25.69
CA LEU B 156 -32.28 1.76 -25.05
C LEU B 156 -32.40 1.64 -23.54
N GLN B 157 -31.47 0.89 -22.94
CA GLN B 157 -31.39 0.70 -21.50
C GLN B 157 -30.36 1.63 -20.89
N SER B 158 -30.54 1.92 -19.60
CA SER B 158 -29.59 2.76 -18.88
C SER B 158 -29.58 2.35 -17.41
N GLY B 159 -28.39 2.36 -16.82
CA GLY B 159 -28.22 2.06 -15.42
C GLY B 159 -28.27 0.60 -15.05
N ASN B 160 -28.72 -0.28 -15.94
CA ASN B 160 -28.83 -1.69 -15.60
C ASN B 160 -27.84 -2.54 -16.39
N SER B 161 -26.57 -2.13 -16.44
CA SER B 161 -25.55 -2.93 -17.09
C SER B 161 -24.18 -2.58 -16.52
N GLN B 162 -23.28 -3.56 -16.57
CA GLN B 162 -21.92 -3.39 -16.10
C GLN B 162 -20.95 -4.04 -17.09
N GLU B 163 -19.85 -3.34 -17.37
CA GLU B 163 -18.84 -3.77 -18.32
C GLU B 163 -17.59 -4.26 -17.60
N SER B 164 -16.89 -5.18 -18.24
CA SER B 164 -15.60 -5.67 -17.77
C SER B 164 -14.70 -5.91 -18.98
N VAL B 165 -13.41 -5.64 -18.83
CA VAL B 165 -12.46 -5.75 -19.93
C VAL B 165 -11.23 -6.53 -19.46
N THR B 166 -10.73 -7.41 -20.32
CA THR B 166 -9.52 -8.14 -20.00
C THR B 166 -8.29 -7.25 -20.18
N GLU B 167 -7.17 -7.71 -19.63
CA GLU B 167 -5.88 -7.13 -19.96
C GLU B 167 -5.56 -7.43 -21.42
N GLN B 168 -4.72 -6.58 -22.02
CA GLN B 168 -4.30 -6.80 -23.40
C GLN B 168 -3.76 -8.21 -23.56
N ASP B 169 -4.25 -8.92 -24.58
CA ASP B 169 -3.85 -10.31 -24.77
C ASP B 169 -2.38 -10.37 -25.17
N SER B 170 -1.64 -11.27 -24.53
CA SER B 170 -0.20 -11.34 -24.72
C SER B 170 0.20 -11.89 -26.09
N LYS B 171 -0.73 -12.48 -26.85
CA LYS B 171 -0.40 -13.05 -28.16
C LYS B 171 -0.78 -12.12 -29.31
N ASP B 172 -2.01 -11.62 -29.34
CA ASP B 172 -2.47 -10.78 -30.45
C ASP B 172 -2.73 -9.33 -30.05
N SER B 173 -2.43 -8.94 -28.81
CA SER B 173 -2.55 -7.55 -28.37
C SER B 173 -3.98 -7.02 -28.49
N THR B 174 -4.97 -7.91 -28.41
CA THR B 174 -6.36 -7.51 -28.51
C THR B 174 -7.02 -7.46 -27.12
N TYR B 175 -8.21 -6.88 -27.08
CA TYR B 175 -9.02 -6.81 -25.89
C TYR B 175 -10.31 -7.59 -26.09
N SER B 176 -10.87 -8.07 -24.97
CA SER B 176 -12.20 -8.65 -24.95
C SER B 176 -12.99 -7.95 -23.85
N LEU B 177 -14.30 -7.86 -24.05
CA LEU B 177 -15.16 -7.08 -23.17
C LEU B 177 -16.45 -7.86 -22.93
N SER B 178 -16.85 -7.94 -21.67
CA SER B 178 -18.17 -8.43 -21.30
C SER B 178 -19.05 -7.25 -20.91
N SER B 179 -20.27 -7.22 -21.42
CA SER B 179 -21.30 -6.31 -20.94
C SER B 179 -22.45 -7.15 -20.42
N THR B 180 -22.80 -6.99 -19.15
CA THR B 180 -23.87 -7.76 -18.53
C THR B 180 -25.04 -6.84 -18.21
N LEU B 181 -26.21 -7.20 -18.70
CA LEU B 181 -27.47 -6.54 -18.37
C LEU B 181 -28.19 -7.37 -17.32
N THR B 182 -28.54 -6.76 -16.19
CA THR B 182 -29.19 -7.44 -15.09
C THR B 182 -30.63 -6.96 -14.97
N LEU B 183 -31.58 -7.84 -15.26
CA LEU B 183 -33.00 -7.59 -15.05
C LEU B 183 -33.56 -8.54 -14.00
N SER B 184 -34.76 -8.23 -13.54
CA SER B 184 -35.51 -9.19 -12.76
C SER B 184 -36.17 -10.21 -13.68
N LYS B 185 -36.53 -11.36 -13.10
CA LYS B 185 -37.27 -12.36 -13.87
C LYS B 185 -38.54 -11.76 -14.48
N ALA B 186 -39.26 -10.95 -13.70
CA ALA B 186 -40.49 -10.34 -14.19
C ALA B 186 -40.22 -9.44 -15.38
N ASP B 187 -39.29 -8.49 -15.23
CA ASP B 187 -38.97 -7.59 -16.34
C ASP B 187 -38.55 -8.38 -17.57
N TYR B 188 -37.73 -9.42 -17.38
CA TYR B 188 -37.31 -10.24 -18.50
C TYR B 188 -38.52 -10.85 -19.21
N GLU B 189 -39.43 -11.44 -18.44
CA GLU B 189 -40.58 -12.11 -19.05
C GLU B 189 -41.51 -11.14 -19.77
N LYS B 190 -41.49 -9.85 -19.40
CA LYS B 190 -42.41 -8.89 -20.00
C LYS B 190 -42.03 -8.48 -21.42
N HIS B 191 -40.85 -8.87 -21.91
CA HIS B 191 -40.38 -8.41 -23.21
C HIS B 191 -39.84 -9.57 -24.03
N LYS B 192 -39.58 -9.28 -25.31
CA LYS B 192 -39.29 -10.31 -26.30
C LYS B 192 -37.90 -10.16 -26.93
N VAL B 193 -37.60 -9.01 -27.54
CA VAL B 193 -36.36 -8.82 -28.26
C VAL B 193 -35.31 -8.25 -27.31
N TYR B 194 -34.16 -8.92 -27.23
CA TYR B 194 -33.02 -8.45 -26.45
C TYR B 194 -31.84 -8.28 -27.38
N ALA B 195 -31.30 -7.07 -27.46
CA ALA B 195 -30.29 -6.75 -28.45
C ALA B 195 -29.10 -6.03 -27.82
N CYS B 196 -27.92 -6.37 -28.31
CA CYS B 196 -26.66 -5.72 -27.97
C CYS B 196 -26.14 -5.02 -29.21
N GLU B 197 -25.95 -3.70 -29.12
CA GLU B 197 -25.44 -2.89 -30.23
C GLU B 197 -24.04 -2.43 -29.89
N VAL B 198 -23.12 -2.60 -30.83
CA VAL B 198 -21.69 -2.42 -30.60
C VAL B 198 -21.18 -1.41 -31.60
N THR B 199 -20.64 -0.30 -31.10
CA THR B 199 -19.99 0.72 -31.90
C THR B 199 -18.49 0.58 -31.70
N HIS B 200 -17.74 0.50 -32.79
CA HIS B 200 -16.30 0.31 -32.69
C HIS B 200 -15.62 0.77 -33.97
N GLN B 201 -14.41 1.31 -33.82
CA GLN B 201 -13.67 1.87 -34.94
C GLN B 201 -13.48 0.89 -36.08
N GLY B 202 -13.35 -0.41 -35.78
CA GLY B 202 -13.21 -1.41 -36.81
C GLY B 202 -14.48 -1.80 -37.51
N LEU B 203 -15.60 -1.20 -37.13
CA LEU B 203 -16.90 -1.49 -37.71
C LEU B 203 -17.33 -0.29 -38.56
N SER B 204 -17.66 -0.56 -39.83
CA SER B 204 -18.23 0.49 -40.67
C SER B 204 -19.47 1.09 -40.01
N SER B 205 -20.24 0.26 -39.32
CA SER B 205 -21.51 0.64 -38.73
C SER B 205 -21.74 -0.22 -37.52
N PRO B 206 -22.48 0.27 -36.52
CA PRO B 206 -22.66 -0.50 -35.29
C PRO B 206 -23.30 -1.85 -35.57
N VAL B 207 -22.69 -2.91 -35.03
CA VAL B 207 -23.18 -4.27 -35.22
C VAL B 207 -24.16 -4.60 -34.10
N THR B 208 -25.28 -5.23 -34.45
CA THR B 208 -26.27 -5.63 -33.47
C THR B 208 -26.41 -7.15 -33.45
N LYS B 209 -26.43 -7.73 -32.26
CA LYS B 209 -26.66 -9.15 -32.07
C LYS B 209 -27.81 -9.27 -31.08
N SER B 210 -28.86 -9.99 -31.47
CA SER B 210 -30.08 -10.00 -30.68
C SER B 210 -30.61 -11.43 -30.57
N PHE B 211 -31.59 -11.59 -29.69
CA PHE B 211 -32.32 -12.86 -29.59
C PHE B 211 -33.74 -12.58 -29.13
N ASN B 212 -34.63 -13.51 -29.47
CA ASN B 212 -36.03 -13.46 -29.04
C ASN B 212 -36.21 -14.38 -27.84
N ARG B 213 -36.74 -13.84 -26.76
CA ARG B 213 -36.96 -14.63 -25.56
C ARG B 213 -37.80 -15.87 -25.90
N GLY B 214 -37.28 -17.04 -25.53
CA GLY B 214 -37.98 -18.28 -25.78
C GLY B 214 -37.71 -18.93 -27.11
N GLU B 215 -36.51 -18.77 -27.66
CA GLU B 215 -36.15 -19.44 -28.90
C GLU B 215 -34.81 -20.16 -28.75
N ASN C 4 35.18 22.78 13.99
CA ASN C 4 36.02 22.82 15.18
C ASN C 4 35.17 22.85 16.45
N LEU C 5 33.97 23.42 16.35
CA LEU C 5 33.06 23.54 17.48
C LEU C 5 31.91 22.55 17.35
N CYS C 6 31.35 22.16 18.49
CA CYS C 6 30.39 21.06 18.53
C CYS C 6 29.12 21.45 17.77
N PRO C 7 28.57 20.54 16.95
CA PRO C 7 27.33 20.83 16.18
C PRO C 7 26.06 20.53 16.97
N PHE C 8 25.84 21.33 18.02
CA PHE C 8 24.66 21.13 18.86
C PHE C 8 23.37 21.33 18.08
N GLY C 9 23.43 22.12 17.01
CA GLY C 9 22.23 22.37 16.22
C GLY C 9 21.65 21.10 15.62
N GLU C 10 22.53 20.20 15.17
CA GLU C 10 22.05 18.93 14.60
C GLU C 10 21.09 18.23 15.53
N VAL C 11 21.37 18.27 16.83
CA VAL C 11 20.51 17.60 17.80
C VAL C 11 19.34 18.47 18.21
N PHE C 12 19.60 19.74 18.54
CA PHE C 12 18.54 20.58 19.08
C PHE C 12 17.54 21.00 18.01
N ASN C 13 18.04 21.34 16.81
CA ASN C 13 17.17 21.78 15.72
C ASN C 13 16.87 20.67 14.73
N ALA C 14 17.05 19.40 15.13
CA ALA C 14 16.68 18.30 14.26
C ALA C 14 15.20 18.37 13.91
N THR C 15 14.88 18.15 12.64
CA THR C 15 13.49 18.32 12.20
C THR C 15 12.58 17.28 12.83
N ARG C 16 13.05 16.04 12.99
CA ARG C 16 12.28 15.01 13.67
C ARG C 16 12.95 14.62 14.98
N PHE C 17 12.15 14.19 15.94
CA PHE C 17 12.62 13.69 17.21
C PHE C 17 12.11 12.27 17.39
N ALA C 18 12.71 11.55 18.34
CA ALA C 18 12.47 10.14 18.53
C ALA C 18 11.33 9.89 19.50
N SER C 19 10.63 8.77 19.30
CA SER C 19 9.79 8.22 20.35
C SER C 19 10.65 7.94 21.57
N VAL C 20 10.10 8.17 22.76
CA VAL C 20 10.92 8.09 23.97
C VAL C 20 11.36 6.65 24.22
N TYR C 21 10.50 5.68 23.93
CA TYR C 21 10.91 4.29 24.15
C TYR C 21 12.07 3.90 23.24
N ALA C 22 12.20 4.56 22.09
CA ALA C 22 13.33 4.36 21.20
C ALA C 22 14.20 5.61 21.18
N TRP C 23 14.51 6.12 22.37
CA TRP C 23 15.14 7.44 22.49
C TRP C 23 16.44 7.48 21.71
N ASN C 24 16.74 8.65 21.16
CA ASN C 24 17.91 8.79 20.31
C ASN C 24 19.14 9.20 21.13
N ARG C 25 20.31 8.86 20.60
CA ARG C 25 21.58 9.33 21.15
C ARG C 25 22.49 9.78 20.03
N LYS C 26 23.15 10.91 20.23
CA LYS C 26 24.18 11.42 19.33
C LYS C 26 25.47 11.62 20.10
N ARG C 27 26.60 11.38 19.46
CA ARG C 27 27.90 11.51 20.10
C ARG C 27 28.53 12.84 19.72
N ILE C 28 28.93 13.60 20.74
CA ILE C 28 29.63 14.87 20.57
C ILE C 28 31.09 14.63 20.90
N SER C 29 31.93 14.90 19.89
CA SER C 29 33.32 14.48 19.85
C SER C 29 34.16 15.59 19.22
N ASN C 30 35.42 15.67 19.66
CA ASN C 30 36.43 16.52 19.04
C ASN C 30 35.89 17.90 18.67
N CYS C 31 35.67 18.72 19.68
CA CYS C 31 35.08 20.05 19.49
C CYS C 31 35.08 20.74 20.85
N VAL C 32 34.74 22.03 20.83
CA VAL C 32 34.66 22.84 22.04
C VAL C 32 33.20 23.21 22.27
N ALA C 33 32.74 23.01 23.51
CA ALA C 33 31.30 23.22 23.80
C ALA C 33 31.05 24.51 24.56
N ASP C 34 30.38 25.48 23.93
CA ASP C 34 29.97 26.71 24.68
C ASP C 34 28.63 26.40 25.32
N TYR C 35 28.63 26.04 26.60
CA TYR C 35 27.39 25.68 27.31
C TYR C 35 26.67 26.95 27.79
N SER C 36 27.21 28.11 27.41
CA SER C 36 26.53 29.39 27.75
C SER C 36 25.73 29.85 26.55
N VAL C 37 26.35 29.86 25.38
CA VAL C 37 25.56 30.21 24.17
C VAL C 37 24.40 29.22 24.10
N LEU C 38 24.60 28.02 24.65
CA LEU C 38 23.54 27.01 24.62
C LEU C 38 22.39 27.40 25.55
N TYR C 39 22.72 27.94 26.72
CA TYR C 39 21.68 28.46 27.61
C TYR C 39 20.90 29.59 26.95
N ASN C 40 21.54 30.33 26.04
CA ASN C 40 20.93 31.48 25.39
C ASN C 40 20.57 31.22 23.93
N SER C 41 20.52 29.95 23.53
CA SER C 41 20.18 29.63 22.14
C SER C 41 18.70 29.85 21.83
N ALA C 42 17.83 29.65 22.81
CA ALA C 42 16.39 29.86 22.65
C ALA C 42 15.75 29.83 24.04
N SER C 43 14.43 29.92 24.08
CA SER C 43 13.69 29.85 25.34
C SER C 43 13.35 28.39 25.63
N PHE C 44 13.89 27.86 26.72
CA PHE C 44 13.73 26.47 27.10
C PHE C 44 12.78 26.36 28.30
N SER C 45 11.82 25.44 28.23
CA SER C 45 10.98 25.18 29.38
C SER C 45 11.80 24.74 30.58
N THR C 46 12.87 23.99 30.33
CA THR C 46 13.69 23.44 31.44
C THR C 46 15.17 23.44 31.02
N PHE C 47 16.07 23.85 31.91
CA PHE C 47 17.53 23.76 31.67
C PHE C 47 18.14 23.45 33.03
N LYS C 48 17.96 22.24 33.51
CA LYS C 48 18.44 21.88 34.85
C LYS C 48 19.68 20.97 34.75
N CYS C 49 20.77 21.37 35.40
CA CYS C 49 21.99 20.57 35.41
C CYS C 49 22.20 19.93 36.78
N TYR C 50 22.66 18.69 36.78
CA TYR C 50 22.92 17.92 37.99
C TYR C 50 24.41 17.56 38.00
N GLY C 51 25.19 18.24 38.85
CA GLY C 51 26.60 17.96 39.02
C GLY C 51 27.50 19.12 38.66
N VAL C 52 27.13 19.90 37.65
CA VAL C 52 27.99 20.98 37.15
C VAL C 52 27.12 22.07 36.54
N SER C 53 27.52 23.32 36.78
CA SER C 53 26.83 24.46 36.21
C SER C 53 27.30 24.72 34.78
N PRO C 54 26.56 25.50 34.00
CA PRO C 54 27.00 25.78 32.62
C PRO C 54 28.34 26.50 32.56
N THR C 55 28.50 27.56 33.34
CA THR C 55 29.78 28.28 33.34
C THR C 55 30.91 27.39 33.84
N LYS C 56 30.68 26.67 34.93
CA LYS C 56 31.68 25.72 35.42
C LYS C 56 32.01 24.67 34.36
N LEU C 57 31.02 24.31 33.54
CA LEU C 57 31.27 23.34 32.47
C LEU C 57 32.07 23.96 31.33
N ASN C 58 31.93 25.26 31.12
CA ASN C 58 32.72 25.92 30.08
C ASN C 58 34.22 25.86 30.37
N ASP C 59 34.60 25.68 31.64
CA ASP C 59 35.99 25.54 32.03
C ASP C 59 36.35 24.09 32.38
N LEU C 60 35.68 23.13 31.75
CA LEU C 60 35.95 21.71 31.97
C LEU C 60 36.06 20.98 30.64
N CYS C 61 36.68 19.81 30.67
CA CYS C 61 36.92 18.99 29.50
C CYS C 61 36.54 17.55 29.81
N PHE C 62 35.79 16.92 28.90
CA PHE C 62 35.39 15.53 29.05
C PHE C 62 35.82 14.72 27.84
N THR C 63 35.84 13.40 28.01
CA THR C 63 36.19 12.52 26.90
C THR C 63 35.12 12.55 25.82
N ASN C 64 33.88 12.17 26.17
CA ASN C 64 32.77 12.20 25.24
C ASN C 64 31.62 13.00 25.83
N VAL C 65 30.76 13.54 24.97
CA VAL C 65 29.50 14.10 25.46
C VAL C 65 28.37 13.46 24.68
N TYR C 66 27.48 12.76 25.38
CA TYR C 66 26.32 12.16 24.73
C TYR C 66 25.14 13.11 24.79
N ALA C 67 24.44 13.25 23.67
CA ALA C 67 23.22 14.06 23.60
C ALA C 67 22.06 13.13 23.24
N ASP C 68 21.30 12.72 24.25
CA ASP C 68 20.09 11.94 24.04
C ASP C 68 18.92 12.87 23.77
N SER C 69 18.06 12.49 22.84
CA SER C 69 16.92 13.34 22.50
C SER C 69 15.69 12.50 22.23
N PHE C 70 14.53 13.06 22.55
CA PHE C 70 13.25 12.38 22.39
C PHE C 70 12.13 13.38 22.69
N VAL C 71 10.89 12.86 22.78
CA VAL C 71 9.70 13.67 23.01
C VAL C 71 8.85 12.99 24.06
N ILE C 72 8.29 13.78 24.97
CA ILE C 72 7.34 13.28 25.98
C ILE C 72 6.29 14.35 26.21
N ARG C 73 5.42 14.17 27.20
CA ARG C 73 4.44 15.22 27.48
C ARG C 73 4.85 16.01 28.71
N GLY C 74 4.25 17.19 28.86
CA GLY C 74 4.63 18.13 29.90
C GLY C 74 4.79 17.52 31.28
N ASP C 75 3.73 16.90 31.79
CA ASP C 75 3.75 16.38 33.16
C ASP C 75 4.85 15.35 33.38
N GLU C 76 5.53 14.91 32.32
CA GLU C 76 6.54 13.86 32.46
C GLU C 76 7.96 14.39 32.43
N VAL C 77 8.18 15.63 31.97
CA VAL C 77 9.53 16.19 31.97
C VAL C 77 10.16 16.08 33.36
N ARG C 78 9.35 16.25 34.41
CA ARG C 78 9.82 16.09 35.78
C ARG C 78 10.61 14.79 35.92
N GLN C 79 10.13 13.73 35.28
CA GLN C 79 10.72 12.41 35.47
C GLN C 79 12.12 12.29 34.88
N ILE C 80 12.55 13.23 34.04
CA ILE C 80 13.88 13.18 33.47
C ILE C 80 14.86 13.78 34.46
N ALA C 81 15.04 13.11 35.58
CA ALA C 81 15.91 13.55 36.65
C ALA C 81 16.30 12.36 37.50
N PRO C 82 17.42 12.42 38.20
CA PRO C 82 17.79 11.32 39.10
C PRO C 82 16.77 11.18 40.22
N GLY C 83 16.50 9.93 40.59
CA GLY C 83 15.59 9.63 41.68
C GLY C 83 14.11 9.74 41.37
N GLN C 84 13.74 9.84 40.10
CA GLN C 84 12.34 10.00 39.72
C GLN C 84 11.72 8.65 39.38
N THR C 85 10.40 8.60 39.49
CA THR C 85 9.61 7.42 39.13
C THR C 85 8.41 7.86 38.31
N GLY C 86 7.91 6.93 37.51
CA GLY C 86 6.83 7.22 36.59
C GLY C 86 7.00 6.45 35.29
N LYS C 87 6.01 6.58 34.40
CA LYS C 87 6.04 5.84 33.13
C LYS C 87 7.40 5.98 32.45
N ILE C 88 7.87 7.22 32.27
CA ILE C 88 9.11 7.45 31.56
C ILE C 88 10.30 6.88 32.34
N ALA C 89 10.55 7.41 33.53
CA ALA C 89 11.74 7.01 34.29
C ALA C 89 11.78 5.51 34.53
N ASP C 90 10.63 4.91 34.85
CA ASP C 90 10.61 3.48 35.13
C ASP C 90 10.77 2.66 33.86
N TYR C 91 10.12 3.07 32.76
CA TYR C 91 9.88 2.18 31.64
C TYR C 91 10.50 2.64 30.34
N ASN C 92 10.93 3.88 30.23
CA ASN C 92 11.34 4.44 28.94
C ASN C 92 12.75 5.03 28.96
N TYR C 93 13.01 5.98 29.86
CA TYR C 93 14.30 6.64 29.92
C TYR C 93 14.68 6.89 31.39
N LYS C 94 15.74 6.24 31.85
CA LYS C 94 16.13 6.24 33.25
C LYS C 94 17.47 6.94 33.42
N LEU C 95 17.49 8.03 34.18
CA LEU C 95 18.73 8.72 34.54
C LEU C 95 19.26 8.15 35.85
N PRO C 96 20.57 7.89 35.94
CA PRO C 96 21.13 7.33 37.18
C PRO C 96 21.03 8.33 38.33
N ASP C 97 21.04 7.78 39.55
CA ASP C 97 21.06 8.63 40.74
C ASP C 97 22.28 9.54 40.75
N ASP C 98 23.46 9.00 40.40
CA ASP C 98 24.70 9.76 40.40
C ASP C 98 24.85 10.60 39.13
N PHE C 99 23.73 10.96 38.51
CA PHE C 99 23.78 11.60 37.20
C PHE C 99 24.57 12.91 37.26
N THR C 100 25.51 13.06 36.34
CA THR C 100 26.25 14.30 36.15
C THR C 100 26.03 14.73 34.71
N GLY C 101 25.12 15.67 34.51
CA GLY C 101 24.80 16.14 33.17
C GLY C 101 23.77 17.26 33.20
N CYS C 102 23.02 17.42 32.12
CA CYS C 102 22.02 18.47 32.04
C CYS C 102 20.79 17.96 31.32
N VAL C 103 19.64 18.51 31.67
CA VAL C 103 18.36 18.16 31.07
C VAL C 103 17.76 19.44 30.51
N ILE C 104 17.53 19.48 29.20
CA ILE C 104 16.93 20.62 28.53
C ILE C 104 15.61 20.15 27.91
N ALA C 105 14.61 21.02 27.94
CA ALA C 105 13.31 20.66 27.41
C ALA C 105 12.57 21.91 26.98
N TRP C 106 11.82 21.80 25.89
CA TRP C 106 11.00 22.91 25.44
C TRP C 106 9.68 22.39 24.88
N ASN C 107 8.73 23.32 24.77
CA ASN C 107 7.40 23.00 24.28
C ASN C 107 7.43 22.89 22.75
N SER C 108 6.92 21.78 22.23
CA SER C 108 6.93 21.51 20.79
C SER C 108 5.52 21.36 20.23
N ASN C 109 4.49 21.78 20.98
CA ASN C 109 3.12 21.64 20.51
C ASN C 109 2.95 22.16 19.08
N ASN C 110 3.58 23.29 18.76
CA ASN C 110 3.43 23.90 17.45
C ASN C 110 3.97 23.03 16.33
N LEU C 111 4.74 21.98 16.65
CA LEU C 111 5.35 21.12 15.64
C LEU C 111 4.99 19.65 15.76
N ASP C 112 4.59 19.18 16.94
CA ASP C 112 4.38 17.76 17.18
C ASP C 112 2.92 17.41 17.43
N SER C 113 1.98 18.31 17.16
CA SER C 113 0.57 18.02 17.27
C SER C 113 -0.11 18.20 15.93
N LYS C 114 -1.19 17.45 15.73
CA LYS C 114 -2.05 17.57 14.56
C LYS C 114 -3.48 17.68 15.04
N VAL C 115 -4.34 18.25 14.19
CA VAL C 115 -5.72 18.52 14.61
C VAL C 115 -6.39 17.25 15.09
N GLY C 116 -6.33 16.18 14.29
CA GLY C 116 -6.94 14.93 14.69
C GLY C 116 -6.18 14.16 15.75
N GLY C 117 -4.97 14.60 16.10
CA GLY C 117 -4.09 13.85 16.97
C GLY C 117 -2.85 13.39 16.23
N ASN C 118 -1.69 13.49 16.86
CA ASN C 118 -0.45 12.98 16.30
C ASN C 118 -0.06 11.72 17.06
N TYR C 119 -0.04 10.59 16.36
CA TYR C 119 0.25 9.31 16.98
C TYR C 119 1.63 8.79 16.61
N ASN C 120 2.48 9.64 16.02
CA ASN C 120 3.82 9.21 15.65
C ASN C 120 4.66 8.83 16.87
N TYR C 121 4.41 9.45 18.03
CA TYR C 121 5.27 9.29 19.20
C TYR C 121 4.68 8.24 20.13
N LEU C 122 5.45 7.20 20.40
CA LEU C 122 5.03 6.13 21.31
C LEU C 122 5.84 6.19 22.60
N TYR C 123 5.30 5.55 23.63
CA TYR C 123 5.99 5.32 24.87
C TYR C 123 5.67 3.91 25.34
N ARG C 124 6.55 3.35 26.16
CA ARG C 124 6.33 2.03 26.71
C ARG C 124 5.38 2.12 27.90
N LEU C 125 4.30 1.34 27.84
CA LEU C 125 3.23 1.38 28.84
C LEU C 125 3.37 0.30 29.89
N PHE C 126 3.85 -0.88 29.50
CA PHE C 126 4.02 -2.01 30.40
C PHE C 126 5.47 -2.47 30.36
N ARG C 127 5.92 -3.06 31.48
CA ARG C 127 7.24 -3.69 31.49
C ARG C 127 7.35 -4.57 32.73
N LYS C 128 8.01 -5.72 32.57
CA LYS C 128 8.19 -6.65 33.68
C LYS C 128 8.99 -6.03 34.84
N SER C 129 9.85 -5.06 34.54
CA SER C 129 10.69 -4.44 35.55
C SER C 129 11.12 -3.05 35.08
N ASN C 130 11.67 -2.29 36.02
CA ASN C 130 12.17 -0.95 35.72
C ASN C 130 13.46 -1.02 34.92
N LEU C 131 13.77 0.10 34.26
CA LEU C 131 14.98 0.21 33.45
C LEU C 131 16.18 0.54 34.31
N LYS C 132 17.33 -0.01 33.94
CA LYS C 132 18.59 0.48 34.46
C LYS C 132 18.95 1.79 33.76
N PRO C 133 19.88 2.57 34.33
CA PRO C 133 20.24 3.85 33.71
C PRO C 133 20.67 3.70 32.26
N PHE C 134 20.20 4.63 31.42
CA PHE C 134 20.57 4.71 30.01
C PHE C 134 20.23 3.43 29.23
N GLU C 135 19.39 2.56 29.78
CA GLU C 135 18.95 1.40 29.05
C GLU C 135 17.94 1.80 27.97
N ARG C 136 17.93 1.06 26.87
CA ARG C 136 17.01 1.31 25.76
C ARG C 136 16.28 0.00 25.43
N ASP C 137 14.99 -0.05 25.72
CA ASP C 137 14.16 -1.21 25.42
C ASP C 137 13.26 -0.88 24.23
N ILE C 138 13.54 -1.51 23.10
CA ILE C 138 12.69 -1.39 21.92
C ILE C 138 12.03 -2.73 21.60
N SER C 139 12.02 -3.65 22.56
CA SER C 139 11.29 -4.89 22.39
C SER C 139 9.79 -4.63 22.27
N THR C 140 9.06 -5.62 21.77
CA THR C 140 7.61 -5.55 21.65
C THR C 140 7.00 -6.91 21.97
N GLU C 141 7.46 -7.51 23.06
CA GLU C 141 6.85 -8.74 23.56
C GLU C 141 5.48 -8.46 24.16
N ILE C 142 4.55 -9.41 23.96
CA ILE C 142 3.24 -9.30 24.58
C ILE C 142 3.39 -9.36 26.09
N TYR C 143 2.73 -8.43 26.78
CA TYR C 143 2.88 -8.24 28.22
C TYR C 143 1.77 -8.98 28.95
N GLN C 144 2.14 -9.80 29.92
CA GLN C 144 1.17 -10.57 30.71
C GLN C 144 0.74 -9.71 31.90
N ALA C 145 -0.51 -9.27 31.88
CA ALA C 145 -1.06 -8.44 32.94
C ALA C 145 -1.92 -9.22 33.93
N GLY C 146 -2.31 -10.44 33.59
CA GLY C 146 -3.11 -11.27 34.48
C GLY C 146 -2.39 -12.53 34.91
N SER C 147 -3.16 -13.51 35.36
CA SER C 147 -2.59 -14.76 35.86
C SER C 147 -2.31 -15.78 34.76
N THR C 148 -3.00 -15.67 33.63
CA THR C 148 -2.84 -16.62 32.53
C THR C 148 -1.66 -16.20 31.65
N PRO C 149 -0.76 -17.13 31.32
CA PRO C 149 0.32 -16.79 30.39
C PRO C 149 -0.20 -16.52 29.00
N CYS C 150 0.54 -15.71 28.25
CA CYS C 150 0.07 -15.21 26.97
C CYS C 150 0.58 -16.00 25.77
N ASN C 151 1.70 -16.71 25.90
CA ASN C 151 2.26 -17.50 24.81
C ASN C 151 2.41 -16.66 23.55
N GLY C 152 2.81 -15.39 23.72
CA GLY C 152 3.06 -14.53 22.59
C GLY C 152 1.82 -14.21 21.78
N VAL C 153 0.64 -14.59 22.30
CA VAL C 153 -0.62 -14.26 21.66
C VAL C 153 -1.22 -13.07 22.39
N GLU C 154 -1.66 -12.08 21.63
CA GLU C 154 -2.36 -10.94 22.18
C GLU C 154 -3.81 -11.34 22.50
N GLY C 155 -4.31 -10.84 23.61
CA GLY C 155 -5.66 -11.18 24.05
C GLY C 155 -6.01 -10.56 25.39
N PHE C 156 -6.86 -11.24 26.15
CA PHE C 156 -7.32 -10.70 27.42
C PHE C 156 -6.14 -10.61 28.39
N ASN C 157 -5.86 -9.40 28.86
CA ASN C 157 -4.75 -9.14 29.79
C ASN C 157 -3.43 -9.58 29.18
N CYS C 158 -3.35 -9.60 27.85
CA CYS C 158 -2.13 -9.91 27.10
C CYS C 158 -1.96 -8.79 26.08
N TYR C 159 -1.14 -7.79 26.42
CA TYR C 159 -1.18 -6.49 25.77
C TYR C 159 0.06 -6.25 24.92
N PHE C 160 -0.14 -5.59 23.79
CA PHE C 160 0.96 -4.90 23.13
C PHE C 160 1.49 -3.86 24.11
N PRO C 161 2.81 -3.76 24.30
CA PRO C 161 3.35 -2.94 25.40
C PRO C 161 3.55 -1.48 25.06
N LEU C 162 3.43 -1.07 23.80
CA LEU C 162 3.62 0.31 23.41
C LEU C 162 2.26 1.01 23.33
N GLN C 163 2.28 2.34 23.51
CA GLN C 163 1.05 3.12 23.43
C GLN C 163 1.41 4.51 22.92
N SER C 164 0.46 5.13 22.23
CA SER C 164 0.69 6.41 21.59
C SER C 164 0.20 7.55 22.47
N TYR C 165 0.82 8.72 22.30
CA TYR C 165 0.38 9.91 23.02
C TYR C 165 -0.87 10.51 22.41
N GLY C 166 -0.88 10.66 21.09
CA GLY C 166 -1.98 11.34 20.43
C GLY C 166 -2.03 12.81 20.79
N PHE C 167 -0.99 13.54 20.40
CA PHE C 167 -0.92 14.98 20.69
C PHE C 167 -1.90 15.74 19.79
N GLN C 168 -2.77 16.53 20.43
CA GLN C 168 -3.68 17.44 19.77
C GLN C 168 -3.38 18.87 20.20
N PRO C 169 -3.46 19.84 19.30
CA PRO C 169 -3.12 21.22 19.68
C PRO C 169 -3.95 21.75 20.84
N THR C 170 -5.18 21.26 21.03
CA THR C 170 -6.08 21.80 22.03
C THR C 170 -5.92 21.16 23.40
N ASN C 171 -4.99 20.23 23.57
CA ASN C 171 -4.78 19.67 24.90
C ASN C 171 -4.18 20.73 25.82
N GLY C 172 -4.26 20.47 27.13
CA GLY C 172 -3.54 21.27 28.09
C GLY C 172 -2.04 21.13 27.89
N VAL C 173 -1.29 22.01 28.57
CA VAL C 173 0.16 21.95 28.43
C VAL C 173 0.71 20.69 29.10
N GLY C 174 0.09 20.25 30.19
CA GLY C 174 0.55 19.03 30.84
C GLY C 174 0.53 17.83 29.92
N TYR C 175 -0.37 17.84 28.94
CA TYR C 175 -0.47 16.77 27.94
C TYR C 175 0.06 17.18 26.59
N GLN C 176 0.75 18.31 26.52
CA GLN C 176 1.35 18.79 25.28
C GLN C 176 2.73 18.18 25.07
N PRO C 177 3.20 18.13 23.82
CA PRO C 177 4.51 17.54 23.56
C PRO C 177 5.66 18.48 23.89
N TYR C 178 6.69 17.91 24.49
CA TYR C 178 7.94 18.60 24.77
C TYR C 178 9.09 17.80 24.21
N ARG C 179 10.01 18.50 23.57
CA ARG C 179 11.26 17.91 23.12
C ARG C 179 12.29 18.01 24.23
N VAL C 180 12.99 16.91 24.48
CA VAL C 180 13.92 16.77 25.59
C VAL C 180 15.28 16.34 25.06
N VAL C 181 16.32 17.04 25.50
CA VAL C 181 17.71 16.75 25.18
C VAL C 181 18.46 16.61 26.51
N VAL C 182 18.91 15.39 26.79
CA VAL C 182 19.75 15.11 27.96
C VAL C 182 21.20 15.09 27.50
N LEU C 183 22.03 15.90 28.14
CA LEU C 183 23.46 15.90 27.89
C LEU C 183 24.16 15.15 29.02
N SER C 184 24.93 14.15 28.65
CA SER C 184 25.65 13.27 29.56
C SER C 184 27.15 13.46 29.31
N PHE C 185 27.94 13.44 30.38
CA PHE C 185 29.36 13.70 30.31
C PHE C 185 30.14 12.43 30.62
N GLU C 186 31.04 12.09 29.69
CA GLU C 186 31.83 10.86 29.84
C GLU C 186 33.29 11.25 30.08
N LEU C 187 33.84 10.92 31.24
CA LEU C 187 35.23 11.15 31.61
C LEU C 187 35.92 9.80 31.71
N LEU C 188 36.88 9.55 30.82
CA LEU C 188 37.58 8.29 30.72
C LEU C 188 39.07 8.51 30.96
N HIS C 189 39.80 7.40 31.10
CA HIS C 189 41.26 7.41 31.11
C HIS C 189 41.86 7.53 29.71
N ALA C 190 41.15 8.19 28.80
CA ALA C 190 41.58 8.40 27.43
C ALA C 190 41.65 9.90 27.14
N PRO C 191 42.32 10.30 26.05
CA PRO C 191 42.43 11.73 25.75
C PRO C 191 41.09 12.44 25.72
N ALA C 192 40.90 13.43 26.59
CA ALA C 192 39.66 14.20 26.59
C ALA C 192 39.60 15.07 25.33
N THR C 193 38.45 15.06 24.66
CA THR C 193 38.32 15.70 23.35
C THR C 193 37.17 16.69 23.26
N VAL C 194 36.41 16.90 24.33
CA VAL C 194 35.32 17.87 24.33
C VAL C 194 35.50 18.78 25.54
N CYS C 195 35.63 20.08 25.30
CA CYS C 195 35.91 21.04 26.36
C CYS C 195 34.85 22.14 26.44
#